data_4QNL
#
_entry.id   4QNL
#
_cell.length_a   92.773
_cell.length_b   92.773
_cell.length_c   551.926
_cell.angle_alpha   90.00
_cell.angle_beta   90.00
_cell.angle_gamma   120.00
#
_symmetry.space_group_name_H-M   'H 3 2'
#
loop_
_entity.id
_entity.type
_entity.pdbx_description
1 polymer 'Tail fiber protein'
2 non-polymer DI(HYDROXYETHYL)ETHER
3 non-polymer 1,2-ETHANEDIOL
4 non-polymer 'ZINC ION'
5 non-polymer 'SULFATE ION'
6 non-polymer 'CHLORIDE ION'
7 water water
#
_entity_poly.entity_id   1
_entity_poly.type   'polypeptide(L)'
_entity_poly.pdbx_seq_one_letter_code
;(MSE)NE(MSE)FSQGGKGSTGILTNKQAIARHFGVKQSEVVYFSVGAVLSGYKVIYDKGTQRAYSLPANIGSGVTAISL
SPAGVLVHSAGSVDLGALAVTRKEYVTLPDTFTSGSVIQTKNELLTHNGTQYRWAGGLPKSVPLNSTPVSAGGISPTAWV
IANDELIRQELNNGLIPPVGSTSVYDVPGIVVNTTTDNRAAAYAFPGKIFIPNGVTIRCNLLPDDDVRKFVGEGKLIVKN
QWYAKDHTFDIAAS(MSE)NGNNKTVNDEIYCAFRDQTFCRIGIIGDSITDGAWGKQDWSSPPTNSDGDLDAPSTYNHSL
SGGSHSWTEHW(MSE)NGLLLTQSRRSGETIYQSANCSVSGKKLSDGWGYRNFDRGFFGNTRYGAEAPRVCILA(MSE)G
WNDSSASIATYRDQIDKFVRKAWGYGCAVGIVTVNDNDSVR(MSE)AFELSTKKY(MSE)ADKLGVEYFNLGPNLTSASS
RNEQTGYYYYVKKDGTWDTTHPQELGQ(MSE)A(MSE)GNA(MSE)Y(MSE)QTLGNKYCRRVRPGD(MSE)LTQAAVEN
YWDCVGYPSGTHYAPQYVPVSGAPALNVFRFLSKCVTNENVT(MSE)TT(MSE)VWCEEEG(MSE)TVSLLEPWTNAAVV
GQSHNIRVESPVGKALFESGEYQERNTQINAYRTVLNGKTA(MSE)SYFGGGKTLTTY(MSE)GRLRKGLNFIRYIIDGS
PTDAYFP(MSE)LKFGSYKTDGVKLP(MSE)VRLSKEPN(MSE)TRPAPV(MSE)KQSNANDYGVFGEVLSGTQFSKTAD
SHLYNGASVGYLAVPRGLKKNTYIALNYNPLTNVGVLVGVNAAGN(MSE)CIGTFNNANPTDWVVFGDTTREDKGFKVWE
YTSSSTGAHTFTVESDDGTATTSAFSTTVATSGYVGLYNPSASSQLFTLEYS(MSE)TIGNVGLEHHHHHH
;
_entity_poly.pdbx_strand_id   A
#
# COMPACT_ATOMS: atom_id res chain seq x y z
N THR A 13 85.60 -26.97 15.57
CA THR A 13 85.33 -25.75 16.32
C THR A 13 83.86 -25.66 16.70
N GLY A 14 83.57 -24.87 17.73
CA GLY A 14 82.21 -24.71 18.22
C GLY A 14 81.32 -23.94 17.26
N ILE A 15 81.94 -23.17 16.37
CA ILE A 15 81.21 -22.43 15.35
C ILE A 15 80.49 -23.38 14.39
N LEU A 16 81.23 -24.37 13.89
CA LEU A 16 80.68 -25.29 12.90
C LEU A 16 79.51 -26.11 13.45
N THR A 17 79.65 -26.61 14.68
CA THR A 17 78.59 -27.41 15.28
C THR A 17 77.36 -26.55 15.59
N ASN A 18 77.58 -25.28 15.91
CA ASN A 18 76.47 -24.37 16.16
C ASN A 18 75.73 -24.05 14.86
N LYS A 19 76.49 -23.72 13.82
CA LYS A 19 75.91 -23.53 12.49
C LYS A 19 75.15 -24.79 12.07
N GLN A 20 75.70 -25.94 12.44
CA GLN A 20 75.08 -27.22 12.16
C GLN A 20 73.76 -27.36 12.89
N ALA A 21 73.77 -27.00 14.18
CA ALA A 21 72.57 -27.07 15.01
C ALA A 21 71.48 -26.11 14.48
N ILE A 22 71.90 -24.90 14.15
CA ILE A 22 71.02 -23.90 13.56
C ILE A 22 70.46 -24.35 12.21
N ALA A 23 71.31 -24.93 11.38
CA ALA A 23 70.90 -25.34 10.04
C ALA A 23 69.78 -26.40 10.09
N ARG A 24 69.88 -27.33 11.05
CA ARG A 24 68.86 -28.36 11.18
C ARG A 24 67.56 -27.80 11.76
N HIS A 25 67.70 -26.80 12.61
CA HIS A 25 66.53 -26.19 13.22
C HIS A 25 65.68 -25.48 12.18
N PHE A 26 66.34 -24.79 11.25
CA PHE A 26 65.63 -24.04 10.22
C PHE A 26 65.44 -24.83 8.92
N GLY A 27 66.17 -25.93 8.79
CA GLY A 27 66.04 -26.77 7.61
C GLY A 27 66.79 -26.24 6.42
N VAL A 28 67.89 -25.54 6.68
CA VAL A 28 68.76 -25.05 5.62
C VAL A 28 70.09 -25.80 5.62
N LYS A 29 70.99 -25.42 4.71
CA LYS A 29 72.32 -25.98 4.66
C LYS A 29 73.22 -25.30 5.69
N GLN A 30 74.23 -26.02 6.15
CA GLN A 30 75.20 -25.47 7.09
C GLN A 30 75.88 -24.23 6.51
N SER A 31 76.16 -24.28 5.21
CA SER A 31 76.79 -23.16 4.51
C SER A 31 75.88 -21.93 4.39
N GLU A 32 74.59 -22.12 4.66
CA GLU A 32 73.63 -21.01 4.52
C GLU A 32 73.39 -20.28 5.84
N VAL A 33 74.13 -20.65 6.87
CA VAL A 33 74.08 -19.92 8.14
C VAL A 33 75.30 -19.01 8.27
N VAL A 34 75.10 -17.82 8.81
CA VAL A 34 76.20 -16.88 9.01
C VAL A 34 76.10 -16.21 10.38
N TYR A 35 77.22 -16.10 11.07
CA TYR A 35 77.28 -15.31 12.30
C TYR A 35 77.26 -13.83 11.95
N PHE A 36 76.49 -13.06 12.73
CA PHE A 36 76.58 -11.62 12.56
C PHE A 36 77.97 -11.17 12.95
N SER A 37 78.48 -10.21 12.19
CA SER A 37 79.65 -9.43 12.58
C SER A 37 79.68 -8.21 11.69
N VAL A 38 80.54 -7.25 12.00
CA VAL A 38 80.63 -6.06 11.17
C VAL A 38 81.37 -6.39 9.87
N GLY A 39 80.77 -6.00 8.75
CA GLY A 39 81.35 -6.25 7.44
C GLY A 39 81.03 -7.62 6.87
N ALA A 40 80.34 -8.44 7.65
CA ALA A 40 79.97 -9.78 7.20
C ALA A 40 79.07 -9.73 5.97
N VAL A 41 79.54 -10.31 4.86
CA VAL A 41 78.76 -10.35 3.63
C VAL A 41 77.51 -11.22 3.81
N LEU A 42 76.36 -10.71 3.40
CA LEU A 42 75.09 -11.35 3.71
C LEU A 42 74.49 -12.14 2.55
N SER A 43 74.93 -11.85 1.33
CA SER A 43 74.37 -12.46 0.13
C SER A 43 74.43 -13.98 0.18
N GLY A 44 73.35 -14.63 -0.25
CA GLY A 44 73.31 -16.07 -0.31
C GLY A 44 72.90 -16.78 0.98
N TYR A 45 73.07 -16.09 2.10
CA TYR A 45 72.75 -16.69 3.40
C TYR A 45 71.25 -16.64 3.67
N LYS A 46 70.77 -17.61 4.46
CA LYS A 46 69.35 -17.74 4.73
C LYS A 46 69.05 -17.56 6.22
N VAL A 47 70.07 -17.76 7.06
CA VAL A 47 69.93 -17.58 8.50
C VAL A 47 71.13 -16.81 9.06
N ILE A 48 70.84 -15.84 9.92
CA ILE A 48 71.89 -15.11 10.62
C ILE A 48 71.81 -15.41 12.12
N TYR A 49 72.97 -15.49 12.76
CA TYR A 49 73.04 -15.80 14.18
C TYR A 49 73.68 -14.68 14.99
N ASP A 50 72.95 -14.17 15.98
CA ASP A 50 73.45 -13.17 16.92
C ASP A 50 74.12 -13.87 18.09
N LYS A 51 75.45 -13.88 18.12
CA LYS A 51 76.17 -14.63 19.13
C LYS A 51 76.03 -14.03 20.53
N GLY A 52 75.79 -12.73 20.59
CA GLY A 52 75.58 -12.06 21.85
C GLY A 52 74.27 -12.46 22.53
N THR A 53 73.18 -12.45 21.77
CA THR A 53 71.90 -12.84 22.34
C THR A 53 71.64 -14.34 22.18
N GLN A 54 72.46 -14.99 21.36
CA GLN A 54 72.27 -16.40 21.01
C GLN A 54 70.86 -16.65 20.47
N ARG A 55 70.47 -15.81 19.52
CA ARG A 55 69.21 -15.96 18.80
C ARG A 55 69.50 -16.00 17.31
N ALA A 56 68.77 -16.84 16.58
CA ALA A 56 68.93 -16.94 15.13
C ALA A 56 67.68 -16.43 14.41
N TYR A 57 67.89 -15.78 13.27
CA TYR A 57 66.81 -15.25 12.47
C TYR A 57 66.98 -15.64 11.02
N SER A 58 65.90 -16.07 10.39
CA SER A 58 65.93 -16.32 8.95
C SER A 58 65.96 -14.95 8.25
N LEU A 59 66.68 -14.87 7.13
CA LEU A 59 66.93 -13.61 6.45
C LEU A 59 65.90 -13.32 5.36
N PRO A 60 65.76 -12.03 4.99
CA PRO A 60 64.85 -11.68 3.89
C PRO A 60 65.23 -12.40 2.59
N ALA A 61 64.24 -12.66 1.75
CA ALA A 61 64.41 -13.49 0.57
C ALA A 61 65.51 -13.02 -0.37
N ASN A 62 65.46 -11.77 -0.80
CA ASN A 62 66.49 -11.30 -1.73
C ASN A 62 67.28 -10.11 -1.22
N ILE A 63 68.22 -10.39 -0.32
CA ILE A 63 69.28 -9.45 0.00
C ILE A 63 70.14 -9.28 -1.25
N GLY A 64 70.44 -8.04 -1.61
CA GLY A 64 71.21 -7.75 -2.81
C GLY A 64 72.60 -8.39 -2.81
N SER A 65 73.21 -8.44 -3.99
CA SER A 65 74.57 -8.97 -4.10
C SER A 65 75.57 -8.04 -3.45
N GLY A 66 76.59 -8.61 -2.83
CA GLY A 66 77.65 -7.82 -2.20
C GLY A 66 77.18 -6.95 -1.05
N VAL A 67 76.13 -7.38 -0.37
CA VAL A 67 75.60 -6.63 0.77
C VAL A 67 76.28 -7.08 2.08
N THR A 68 76.73 -6.11 2.87
CA THR A 68 77.44 -6.39 4.11
C THR A 68 76.68 -5.89 5.33
N ALA A 69 76.93 -6.54 6.47
CA ALA A 69 76.22 -6.24 7.72
C ALA A 69 76.85 -5.08 8.48
N ILE A 70 76.01 -4.20 9.03
CA ILE A 70 76.49 -3.08 9.85
C ILE A 70 76.20 -3.33 11.32
N SER A 71 74.92 -3.50 11.64
CA SER A 71 74.51 -3.66 13.03
C SER A 71 73.29 -4.57 13.19
N LEU A 72 73.15 -5.15 14.38
CA LEU A 72 71.99 -5.97 14.73
C LEU A 72 71.51 -5.66 16.15
N SER A 73 70.31 -5.10 16.26
CA SER A 73 69.78 -4.62 17.53
C SER A 73 69.25 -5.75 18.42
N PRO A 74 68.99 -5.46 19.71
CA PRO A 74 68.39 -6.46 20.61
C PRO A 74 66.96 -6.84 20.21
N ALA A 75 66.30 -6.02 19.40
CA ALA A 75 64.96 -6.35 18.94
C ALA A 75 65.03 -7.17 17.65
N GLY A 76 66.23 -7.33 17.12
CA GLY A 76 66.42 -8.11 15.91
C GLY A 76 66.37 -7.28 14.64
N VAL A 77 66.61 -5.98 14.76
CA VAL A 77 66.65 -5.13 13.58
C VAL A 77 68.04 -5.16 12.96
N LEU A 78 68.09 -5.54 11.69
CA LEU A 78 69.34 -5.69 10.97
C LEU A 78 69.59 -4.50 10.07
N VAL A 79 70.77 -3.89 10.21
CA VAL A 79 71.18 -2.83 9.29
C VAL A 79 72.33 -3.32 8.41
N HIS A 80 72.20 -3.10 7.11
CA HIS A 80 73.19 -3.56 6.16
C HIS A 80 73.42 -2.52 5.05
N SER A 81 74.23 -2.90 4.06
CA SER A 81 74.63 -2.00 2.99
C SER A 81 73.47 -1.41 2.21
N ALA A 82 72.46 -2.25 1.93
CA ALA A 82 71.37 -1.84 1.06
C ALA A 82 70.08 -1.50 1.81
N GLY A 83 70.19 -1.31 3.13
CA GLY A 83 69.03 -0.89 3.90
C GLY A 83 68.89 -1.53 5.27
N SER A 84 67.65 -1.70 5.70
CA SER A 84 67.36 -2.17 7.05
C SER A 84 66.13 -3.07 7.08
N VAL A 85 66.19 -4.14 7.87
CA VAL A 85 65.06 -5.06 7.99
C VAL A 85 64.85 -5.50 9.45
N ASP A 86 63.59 -5.57 9.87
CA ASP A 86 63.22 -6.07 11.19
C ASP A 86 63.07 -7.58 11.16
N LEU A 87 64.08 -8.29 11.65
CA LEU A 87 64.08 -9.76 11.58
C LEU A 87 63.04 -10.39 12.50
N GLY A 88 62.69 -9.69 13.58
CA GLY A 88 61.66 -10.16 14.48
C GLY A 88 60.29 -10.12 13.80
N ALA A 89 60.03 -9.05 13.07
CA ALA A 89 58.81 -8.92 12.30
C ALA A 89 58.79 -9.95 11.18
N LEU A 90 59.95 -10.21 10.58
CA LEU A 90 60.04 -11.18 9.50
C LEU A 90 59.78 -12.60 10.04
N ALA A 91 60.21 -12.86 11.27
CA ALA A 91 60.01 -14.17 11.87
C ALA A 91 58.53 -14.38 12.19
N VAL A 92 57.84 -13.30 12.55
CA VAL A 92 56.40 -13.38 12.79
C VAL A 92 55.68 -13.83 11.53
N THR A 93 56.08 -13.29 10.38
CA THR A 93 55.44 -13.68 9.12
C THR A 93 55.70 -15.15 8.78
N ARG A 94 56.80 -15.68 9.31
CA ARG A 94 57.16 -17.07 9.04
C ARG A 94 56.82 -17.98 10.22
N LYS A 95 56.19 -17.41 11.24
CA LYS A 95 55.82 -18.12 12.47
C LYS A 95 57.02 -18.84 13.07
N GLU A 96 58.14 -18.12 13.14
CA GLU A 96 59.35 -18.63 13.76
C GLU A 96 59.55 -17.95 15.11
N TYR A 97 59.11 -18.63 16.15
CA TYR A 97 58.97 -18.04 17.47
C TYR A 97 59.91 -18.63 18.51
N VAL A 98 60.27 -17.81 19.49
CA VAL A 98 60.90 -18.35 20.69
C VAL A 98 59.87 -18.28 21.82
N THR A 99 59.53 -19.44 22.37
CA THR A 99 58.60 -19.50 23.49
C THR A 99 59.35 -19.36 24.80
N LEU A 100 59.28 -18.16 25.39
CA LEU A 100 59.96 -17.89 26.64
C LEU A 100 59.52 -18.84 27.76
N PRO A 101 60.45 -19.18 28.66
CA PRO A 101 60.12 -20.07 29.78
C PRO A 101 59.47 -19.31 30.94
N ASP A 102 58.61 -18.36 30.62
CA ASP A 102 57.90 -17.57 31.62
C ASP A 102 56.40 -17.51 31.35
N THR A 103 55.69 -16.86 32.27
CA THR A 103 54.27 -16.58 32.13
C THR A 103 54.03 -15.11 32.41
N PHE A 104 52.80 -14.66 32.18
CA PHE A 104 52.42 -13.31 32.58
C PHE A 104 52.43 -13.23 34.10
N THR A 105 52.12 -14.37 34.72
CA THR A 105 52.11 -14.49 36.16
C THR A 105 53.50 -14.36 36.77
N SER A 106 54.49 -15.01 36.16
CA SER A 106 55.85 -14.97 36.68
C SER A 106 56.58 -13.68 36.30
N GLY A 107 56.11 -13.03 35.26
CA GLY A 107 56.74 -11.83 34.77
C GLY A 107 57.84 -12.15 33.77
N SER A 108 58.22 -11.14 32.99
CA SER A 108 59.23 -11.30 31.95
C SER A 108 59.54 -9.98 31.29
N VAL A 109 60.57 -9.98 30.45
CA VAL A 109 60.86 -8.83 29.60
C VAL A 109 60.87 -9.29 28.15
N ILE A 110 60.16 -8.58 27.29
CA ILE A 110 60.09 -8.94 25.88
C ILE A 110 61.00 -8.01 25.07
N GLN A 111 61.82 -8.60 24.21
CA GLN A 111 62.80 -7.83 23.46
C GLN A 111 62.50 -7.81 21.97
N THR A 112 61.89 -8.88 21.47
CA THR A 112 61.63 -9.00 20.04
C THR A 112 60.17 -9.29 19.74
N LYS A 113 59.77 -9.03 18.51
CA LYS A 113 58.42 -9.34 18.09
C LYS A 113 58.15 -10.84 17.96
N ASN A 114 59.19 -11.67 17.95
CA ASN A 114 58.97 -13.11 17.81
C ASN A 114 59.12 -13.90 19.11
N GLU A 115 59.12 -13.19 20.24
CA GLU A 115 59.09 -13.85 21.54
C GLU A 115 57.64 -14.07 22.01
N LEU A 116 57.39 -15.22 22.61
CA LEU A 116 56.04 -15.58 23.05
C LEU A 116 55.96 -15.73 24.56
N LEU A 117 54.98 -15.07 25.16
CA LEU A 117 54.75 -15.16 26.59
C LEU A 117 53.42 -15.86 26.86
N THR A 118 53.42 -16.77 27.83
CA THR A 118 52.29 -17.65 28.04
C THR A 118 51.36 -17.19 29.17
N HIS A 119 50.06 -17.37 28.96
CA HIS A 119 49.07 -17.13 29.99
C HIS A 119 48.03 -18.21 29.89
N ASN A 120 47.98 -19.08 30.90
CA ASN A 120 47.04 -20.21 30.93
C ASN A 120 47.12 -21.06 29.66
N GLY A 121 48.34 -21.40 29.26
CA GLY A 121 48.55 -22.31 28.15
C GLY A 121 48.44 -21.67 26.77
N THR A 122 48.27 -20.35 26.74
CA THR A 122 48.13 -19.62 25.49
C THR A 122 49.32 -18.67 25.27
N GLN A 123 49.81 -18.60 24.04
CA GLN A 123 50.98 -17.79 23.74
C GLN A 123 50.61 -16.45 23.10
N TYR A 124 51.23 -15.39 23.60
CA TYR A 124 51.01 -14.04 23.09
C TYR A 124 52.30 -13.43 22.57
N ARG A 125 52.22 -12.77 21.43
CA ARG A 125 53.31 -11.93 20.92
C ARG A 125 52.97 -10.47 21.23
N TRP A 126 53.98 -9.62 21.29
CA TRP A 126 53.78 -8.20 21.59
C TRP A 126 54.03 -7.34 20.34
N ALA A 127 53.01 -6.56 19.97
CA ALA A 127 53.06 -5.76 18.74
C ALA A 127 53.27 -4.28 18.97
N GLY A 128 53.53 -3.88 20.22
CA GLY A 128 53.78 -2.49 20.55
C GLY A 128 55.25 -2.14 20.71
N GLY A 129 55.53 -1.16 21.55
CA GLY A 129 56.88 -0.68 21.77
C GLY A 129 57.79 -1.68 22.47
N LEU A 130 59.08 -1.66 22.12
CA LEU A 130 60.07 -2.55 22.69
C LEU A 130 61.20 -1.78 23.39
N PRO A 131 61.76 -2.34 24.47
CA PRO A 131 61.37 -3.62 25.08
C PRO A 131 60.07 -3.51 25.88
N LYS A 132 59.42 -4.65 26.10
CA LYS A 132 58.16 -4.68 26.84
C LYS A 132 58.33 -5.33 28.21
N SER A 133 58.25 -4.51 29.25
CA SER A 133 58.33 -5.01 30.62
C SER A 133 56.99 -5.60 31.05
N VAL A 134 57.03 -6.82 31.59
CA VAL A 134 55.83 -7.46 32.11
C VAL A 134 56.04 -7.84 33.57
N PRO A 135 55.48 -7.05 34.50
CA PRO A 135 55.66 -7.32 35.92
C PRO A 135 55.00 -8.61 36.40
N LEU A 136 55.40 -9.03 37.61
CA LEU A 136 54.83 -10.16 38.30
C LEU A 136 53.30 -10.05 38.45
N ASN A 137 52.62 -11.20 38.47
CA ASN A 137 51.17 -11.27 38.62
C ASN A 137 50.41 -10.45 37.59
N SER A 138 50.83 -10.55 36.34
CA SER A 138 50.16 -9.80 35.29
C SER A 138 49.19 -10.64 34.48
N THR A 139 48.62 -9.99 33.49
CA THR A 139 47.61 -10.55 32.63
C THR A 139 47.83 -9.85 31.30
N PRO A 140 47.56 -10.52 30.18
CA PRO A 140 47.57 -9.82 28.90
C PRO A 140 46.73 -8.54 28.91
N VAL A 141 45.62 -8.54 29.64
CA VAL A 141 44.78 -7.35 29.77
C VAL A 141 45.40 -6.31 30.70
N SER A 142 45.98 -6.78 31.80
CA SER A 142 46.57 -5.88 32.79
C SER A 142 47.88 -5.24 32.32
N ALA A 143 48.53 -5.86 31.34
CA ALA A 143 49.85 -5.40 30.89
C ALA A 143 49.83 -4.87 29.47
N GLY A 144 48.81 -4.10 29.13
CA GLY A 144 48.76 -3.42 27.83
C GLY A 144 47.57 -3.79 26.98
N GLY A 145 46.75 -4.71 27.47
CA GLY A 145 45.54 -5.12 26.77
C GLY A 145 45.80 -5.93 25.52
N ILE A 146 44.73 -6.53 25.00
CA ILE A 146 44.80 -7.37 23.80
C ILE A 146 44.24 -6.62 22.59
N SER A 147 45.12 -6.29 21.65
CA SER A 147 44.73 -5.55 20.45
C SER A 147 45.83 -5.67 19.41
N PRO A 148 45.51 -5.36 18.14
CA PRO A 148 46.51 -5.47 17.05
C PRO A 148 47.78 -4.68 17.29
N THR A 149 47.71 -3.63 18.12
CA THR A 149 48.90 -2.84 18.44
C THR A 149 49.44 -3.17 19.84
N ALA A 150 48.95 -4.28 20.41
CA ALA A 150 49.36 -4.68 21.74
C ALA A 150 49.64 -6.17 21.80
N TRP A 151 49.02 -6.88 22.73
CA TRP A 151 49.20 -8.32 22.83
C TRP A 151 48.35 -9.04 21.78
N VAL A 152 48.98 -9.97 21.08
CA VAL A 152 48.29 -10.75 20.04
C VAL A 152 48.46 -12.23 20.30
N ILE A 153 47.36 -12.98 20.27
CA ILE A 153 47.43 -14.42 20.44
C ILE A 153 48.07 -15.05 19.20
N ALA A 154 49.17 -15.76 19.41
CA ALA A 154 49.94 -16.35 18.32
C ALA A 154 49.37 -17.69 17.85
N ASN A 155 48.82 -18.46 18.79
CA ASN A 155 48.16 -19.71 18.45
C ASN A 155 46.94 -19.49 17.55
N ASP A 156 46.92 -20.18 16.42
CA ASP A 156 45.78 -20.13 15.50
C ASP A 156 45.50 -18.72 14.98
N GLU A 157 46.56 -17.93 14.83
CA GLU A 157 46.39 -16.48 14.61
C GLU A 157 45.53 -16.10 13.40
N LEU A 158 45.73 -16.77 12.26
CA LEU A 158 44.96 -16.41 11.08
C LEU A 158 43.49 -16.84 11.18
N ILE A 159 43.27 -18.08 11.60
CA ILE A 159 41.91 -18.60 11.66
C ILE A 159 41.09 -17.81 12.70
N ARG A 160 41.76 -17.25 13.70
CA ARG A 160 41.08 -16.42 14.69
CA ARG A 160 41.09 -16.42 14.68
C ARG A 160 40.63 -15.11 14.05
N GLN A 161 41.51 -14.52 13.25
CA GLN A 161 41.21 -13.25 12.61
C GLN A 161 40.09 -13.40 11.59
N GLU A 162 40.10 -14.51 10.87
CA GLU A 162 39.05 -14.77 9.88
C GLU A 162 37.70 -14.94 10.56
N LEU A 163 37.70 -15.59 11.72
CA LEU A 163 36.48 -15.78 12.50
C LEU A 163 35.99 -14.47 13.12
N ASN A 164 36.93 -13.61 13.52
CA ASN A 164 36.58 -12.36 14.18
C ASN A 164 36.23 -11.26 13.18
N ASN A 165 36.46 -11.53 11.89
CA ASN A 165 36.16 -10.57 10.84
C ASN A 165 35.17 -11.10 9.82
N GLY A 166 34.53 -12.24 10.15
CA GLY A 166 33.61 -12.90 9.24
C GLY A 166 34.18 -13.11 7.84
N LEU A 167 35.33 -13.78 7.77
CA LEU A 167 35.98 -14.03 6.48
C LEU A 167 35.97 -15.50 6.10
N ILE A 168 35.16 -16.29 6.80
CA ILE A 168 35.07 -17.71 6.49
C ILE A 168 33.85 -18.01 5.61
N PRO A 169 34.10 -18.57 4.43
CA PRO A 169 33.03 -18.82 3.45
C PRO A 169 32.05 -19.85 3.96
N PRO A 170 30.77 -19.68 3.65
CA PRO A 170 29.78 -20.73 3.90
C PRO A 170 30.18 -22.03 3.24
N VAL A 171 29.80 -23.16 3.85
CA VAL A 171 30.07 -24.47 3.27
C VAL A 171 29.63 -24.50 1.81
N GLY A 172 30.53 -24.90 0.92
CA GLY A 172 30.19 -25.01 -0.49
C GLY A 172 30.50 -23.78 -1.30
N SER A 173 31.03 -22.75 -0.66
CA SER A 173 31.45 -21.55 -1.37
C SER A 173 32.97 -21.36 -1.27
N THR A 174 33.52 -20.62 -2.22
CA THR A 174 34.93 -20.29 -2.22
C THR A 174 35.10 -18.80 -2.00
N SER A 175 36.08 -18.43 -1.19
CA SER A 175 36.40 -17.02 -0.99
C SER A 175 36.81 -16.38 -2.30
N VAL A 176 36.32 -15.16 -2.53
CA VAL A 176 36.56 -14.44 -3.78
C VAL A 176 38.06 -14.22 -4.03
N TYR A 177 38.86 -14.20 -2.96
CA TYR A 177 40.30 -13.99 -3.07
C TYR A 177 41.05 -15.22 -3.59
N ASP A 178 40.37 -16.36 -3.64
CA ASP A 178 41.00 -17.61 -4.02
C ASP A 178 40.56 -18.09 -5.40
N VAL A 179 39.68 -17.33 -6.05
CA VAL A 179 39.10 -17.71 -7.33
C VAL A 179 39.94 -17.21 -8.49
N PRO A 180 40.27 -18.12 -9.43
CA PRO A 180 41.09 -17.77 -10.59
C PRO A 180 40.49 -16.66 -11.44
N GLY A 181 41.32 -15.69 -11.81
CA GLY A 181 40.91 -14.66 -12.74
C GLY A 181 40.25 -13.44 -12.11
N ILE A 182 39.76 -13.56 -10.88
CA ILE A 182 39.12 -12.42 -10.23
C ILE A 182 40.16 -11.36 -9.85
N VAL A 183 39.85 -10.11 -10.15
CA VAL A 183 40.61 -8.98 -9.65
C VAL A 183 39.73 -8.17 -8.71
N VAL A 184 40.16 -8.00 -7.46
CA VAL A 184 39.32 -7.29 -6.50
C VAL A 184 39.55 -5.80 -6.56
N ASN A 185 38.78 -5.13 -7.42
CA ASN A 185 38.73 -3.68 -7.47
C ASN A 185 37.31 -3.26 -7.90
N THR A 186 37.16 -2.06 -8.46
CA THR A 186 35.86 -1.61 -8.91
C THR A 186 35.85 -1.39 -10.42
N THR A 187 36.98 -1.64 -11.08
CA THR A 187 37.11 -1.33 -12.49
C THR A 187 37.14 -2.57 -13.38
N THR A 188 37.70 -3.66 -12.88
CA THR A 188 37.81 -4.88 -13.67
C THR A 188 36.49 -5.68 -13.66
N ASP A 189 36.00 -6.03 -14.84
CA ASP A 189 34.78 -6.82 -14.96
C ASP A 189 35.06 -8.29 -14.70
N ASN A 190 34.64 -8.75 -13.52
CA ASN A 190 34.91 -10.10 -13.07
C ASN A 190 33.90 -11.13 -13.54
N ARG A 191 32.99 -10.71 -14.42
CA ARG A 191 31.89 -11.57 -14.88
C ARG A 191 32.38 -12.88 -15.51
N ALA A 192 33.27 -12.79 -16.51
CA ALA A 192 33.76 -13.99 -17.19
C ALA A 192 34.45 -14.96 -16.24
N ALA A 193 35.23 -14.44 -15.30
CA ALA A 193 35.96 -15.27 -14.36
C ALA A 193 35.02 -15.95 -13.37
N ALA A 194 34.04 -15.19 -12.89
CA ALA A 194 33.13 -15.68 -11.86
C ALA A 194 32.25 -16.84 -12.34
N TYR A 195 31.84 -16.81 -13.61
CA TYR A 195 30.94 -17.84 -14.10
C TYR A 195 31.68 -18.94 -14.86
N ALA A 196 32.97 -18.72 -15.11
CA ALA A 196 33.86 -19.79 -15.55
C ALA A 196 34.19 -20.70 -14.36
N PHE A 197 34.27 -20.10 -13.18
CA PHE A 197 34.40 -20.85 -11.95
C PHE A 197 33.08 -21.56 -11.66
N PRO A 198 33.11 -22.89 -11.52
CA PRO A 198 31.90 -23.72 -11.44
C PRO A 198 31.15 -23.67 -10.10
N GLY A 199 31.79 -23.21 -9.03
CA GLY A 199 31.16 -23.21 -7.73
C GLY A 199 30.69 -21.84 -7.26
N LYS A 200 30.25 -21.77 -6.01
CA LYS A 200 29.76 -20.51 -5.45
C LYS A 200 30.91 -19.64 -4.93
N ILE A 201 30.68 -18.33 -4.92
CA ILE A 201 31.71 -17.37 -4.57
C ILE A 201 31.33 -16.53 -3.37
N PHE A 202 32.22 -16.51 -2.37
CA PHE A 202 31.97 -15.77 -1.15
C PHE A 202 32.67 -14.42 -1.13
N ILE A 203 31.88 -13.36 -1.03
CA ILE A 203 32.43 -12.02 -0.90
C ILE A 203 32.09 -11.46 0.47
N PRO A 204 33.11 -11.20 1.29
CA PRO A 204 32.90 -10.78 2.68
C PRO A 204 32.31 -9.38 2.83
N ASN A 205 31.78 -9.09 4.00
CA ASN A 205 31.26 -7.77 4.34
C ASN A 205 32.31 -6.69 4.12
N GLY A 206 31.90 -5.56 3.54
CA GLY A 206 32.80 -4.45 3.30
C GLY A 206 33.57 -4.53 1.99
N VAL A 207 33.43 -5.64 1.26
CA VAL A 207 34.18 -5.80 0.03
C VAL A 207 33.30 -5.66 -1.21
N THR A 208 33.72 -4.81 -2.13
CA THR A 208 33.01 -4.60 -3.37
C THR A 208 33.86 -5.00 -4.56
N ILE A 209 33.27 -5.69 -5.52
CA ILE A 209 33.94 -5.93 -6.80
C ILE A 209 33.01 -5.53 -7.94
N ARG A 210 33.57 -5.25 -9.11
CA ARG A 210 32.77 -5.04 -10.29
C ARG A 210 32.52 -6.37 -10.98
N CYS A 211 31.25 -6.72 -11.14
CA CYS A 211 30.86 -7.90 -11.88
C CYS A 211 29.68 -7.55 -12.79
N ASN A 212 29.98 -7.24 -14.05
CA ASN A 212 28.95 -6.80 -14.98
C ASN A 212 28.04 -7.95 -15.39
N LEU A 213 27.11 -8.28 -14.50
CA LEU A 213 26.19 -9.40 -14.69
C LEU A 213 25.32 -9.23 -15.92
N LEU A 214 25.13 -10.33 -16.64
CA LEU A 214 24.19 -10.35 -17.74
C LEU A 214 22.86 -10.90 -17.21
N PRO A 215 21.74 -10.45 -17.79
CA PRO A 215 20.39 -10.78 -17.30
C PRO A 215 20.11 -12.27 -17.04
N ASP A 216 20.79 -13.16 -17.76
CA ASP A 216 20.59 -14.59 -17.56
C ASP A 216 21.45 -15.17 -16.42
N ASP A 217 22.43 -14.40 -15.94
CA ASP A 217 23.34 -14.89 -14.93
C ASP A 217 22.66 -15.09 -13.56
N ASP A 218 22.80 -16.29 -13.00
CA ASP A 218 22.21 -16.60 -11.71
C ASP A 218 22.94 -15.86 -10.59
N VAL A 219 22.26 -14.93 -9.93
CA VAL A 219 22.91 -14.11 -8.92
C VAL A 219 23.18 -14.91 -7.63
N ARG A 220 22.62 -16.11 -7.57
CA ARG A 220 22.86 -16.99 -6.42
C ARG A 220 24.26 -17.62 -6.48
N LYS A 221 25.01 -17.26 -7.51
CA LYS A 221 26.43 -17.57 -7.61
C LYS A 221 27.20 -16.99 -6.43
N PHE A 222 26.77 -15.81 -5.97
CA PHE A 222 27.47 -15.09 -4.91
C PHE A 222 26.80 -15.21 -3.56
N VAL A 223 27.61 -15.50 -2.54
CA VAL A 223 27.13 -15.54 -1.17
C VAL A 223 27.97 -14.60 -0.32
N GLY A 224 27.59 -14.42 0.94
CA GLY A 224 28.32 -13.52 1.82
C GLY A 224 27.59 -12.23 1.99
N GLU A 225 28.31 -11.16 2.33
CA GLU A 225 27.67 -9.88 2.62
C GLU A 225 28.28 -8.74 1.82
N GLY A 226 29.00 -9.07 0.76
CA GLY A 226 29.66 -8.05 -0.04
C GLY A 226 28.73 -7.42 -1.05
N LYS A 227 29.30 -6.63 -1.96
CA LYS A 227 28.52 -5.96 -2.99
C LYS A 227 29.12 -6.14 -4.38
N LEU A 228 28.27 -6.10 -5.40
CA LEU A 228 28.71 -6.08 -6.79
C LEU A 228 28.43 -4.72 -7.41
N ILE A 229 29.37 -4.23 -8.21
CA ILE A 229 29.09 -3.11 -9.08
C ILE A 229 28.68 -3.66 -10.44
N VAL A 230 27.43 -3.40 -10.82
CA VAL A 230 26.87 -3.93 -12.06
C VAL A 230 26.57 -2.84 -13.07
N LYS A 231 27.28 -2.86 -14.20
CA LYS A 231 27.07 -1.93 -15.30
C LYS A 231 25.70 -2.12 -15.95
N ASN A 232 25.02 -1.01 -16.22
CA ASN A 232 23.80 -1.03 -17.01
C ASN A 232 24.14 -1.34 -18.46
N GLN A 233 23.52 -2.39 -19.01
CA GLN A 233 23.86 -2.84 -20.36
C GLN A 233 23.31 -1.94 -21.45
N TRP A 234 22.56 -0.91 -21.08
CA TRP A 234 21.88 -0.08 -22.09
C TRP A 234 22.12 1.42 -21.89
N TYR A 235 22.56 1.80 -20.68
CA TYR A 235 22.86 3.20 -20.39
C TYR A 235 24.18 3.33 -19.64
N ALA A 236 24.88 4.44 -19.86
CA ALA A 236 26.12 4.72 -19.15
C ALA A 236 25.83 4.93 -17.66
N LYS A 237 25.76 3.84 -16.92
CA LYS A 237 25.21 3.84 -15.58
C LYS A 237 25.63 2.57 -14.85
N ASP A 238 25.76 2.64 -13.52
CA ASP A 238 26.08 1.45 -12.73
C ASP A 238 24.98 1.16 -11.72
N HIS A 239 24.86 -0.09 -11.30
CA HIS A 239 23.91 -0.48 -10.27
C HIS A 239 24.61 -1.34 -9.22
N THR A 240 24.19 -1.17 -7.97
CA THR A 240 24.77 -1.91 -6.87
C THR A 240 23.93 -3.13 -6.55
N PHE A 241 24.57 -4.29 -6.53
CA PHE A 241 23.88 -5.51 -6.12
C PHE A 241 24.36 -5.90 -4.72
N ASP A 242 23.43 -5.88 -3.76
CA ASP A 242 23.73 -6.18 -2.37
C ASP A 242 23.55 -7.68 -2.13
N ILE A 243 24.66 -8.38 -1.96
CA ILE A 243 24.62 -9.84 -1.80
C ILE A 243 23.99 -10.23 -0.46
N ALA A 244 24.24 -9.43 0.58
CA ALA A 244 23.66 -9.70 1.90
C ALA A 244 22.13 -9.69 1.86
N ALA A 245 21.58 -8.70 1.16
CA ALA A 245 20.14 -8.62 0.98
C ALA A 245 19.65 -9.77 0.11
N SER A 246 20.44 -10.14 -0.89
CA SER A 246 20.09 -11.26 -1.73
C SER A 246 20.08 -12.58 -0.97
N ASN A 248 19.85 -12.93 2.58
CA ASN A 248 19.08 -12.95 3.83
C ASN A 248 17.73 -12.26 3.73
N GLY A 249 17.45 -11.65 2.58
CA GLY A 249 16.30 -10.78 2.45
C GLY A 249 16.73 -9.38 2.84
N ASN A 250 15.96 -8.38 2.41
CA ASN A 250 16.27 -6.98 2.74
C ASN A 250 15.27 -6.43 3.73
N ASN A 251 14.34 -7.28 4.16
CA ASN A 251 13.30 -6.93 5.13
C ASN A 251 12.37 -5.81 4.67
N LYS A 252 12.44 -5.47 3.38
CA LYS A 252 11.56 -4.44 2.87
C LYS A 252 10.21 -5.06 2.58
N THR A 253 9.20 -4.20 2.53
CA THR A 253 7.83 -4.65 2.40
C THR A 253 7.08 -3.74 1.43
N VAL A 254 6.27 -4.35 0.57
CA VAL A 254 5.50 -3.60 -0.42
C VAL A 254 4.62 -2.54 0.25
N ASN A 255 3.90 -2.96 1.28
CA ASN A 255 3.05 -2.02 2.01
C ASN A 255 3.87 -0.95 2.71
N ASP A 256 5.01 -1.34 3.26
CA ASP A 256 5.87 -0.40 3.95
C ASP A 256 6.31 0.71 3.02
N GLU A 257 6.80 0.34 1.84
CA GLU A 257 7.24 1.33 0.86
C GLU A 257 6.10 2.24 0.40
N ILE A 258 4.92 1.65 0.18
CA ILE A 258 3.78 2.41 -0.32
C ILE A 258 3.26 3.39 0.71
N TYR A 259 3.17 2.96 1.97
CA TYR A 259 2.77 3.84 3.05
C TYR A 259 3.85 4.87 3.35
N CYS A 260 5.12 4.47 3.25
CA CYS A 260 6.22 5.40 3.49
CA CYS A 260 6.22 5.40 3.49
C CYS A 260 6.21 6.52 2.46
N ALA A 261 5.97 6.16 1.20
CA ALA A 261 5.94 7.13 0.12
C ALA A 261 4.78 8.11 0.29
N PHE A 262 3.68 7.64 0.85
CA PHE A 262 2.54 8.50 1.15
C PHE A 262 2.93 9.53 2.22
N ARG A 263 3.58 9.03 3.28
CA ARG A 263 4.00 9.89 4.39
C ARG A 263 5.12 10.85 4.00
N ASP A 264 6.17 10.34 3.34
CA ASP A 264 7.33 11.15 3.00
C ASP A 264 7.14 11.96 1.72
N GLN A 265 6.06 11.69 1.01
CA GLN A 265 5.78 12.30 -0.29
C GLN A 265 6.92 12.11 -1.27
N THR A 266 7.58 10.96 -1.20
CA THR A 266 8.65 10.64 -2.13
C THR A 266 8.11 9.77 -3.27
N PHE A 267 8.85 9.73 -4.37
CA PHE A 267 8.43 8.98 -5.54
C PHE A 267 8.46 7.48 -5.28
N CYS A 268 7.46 6.78 -5.82
CA CYS A 268 7.36 5.34 -5.61
C CYS A 268 7.04 4.59 -6.89
N ARG A 269 8.08 4.25 -7.65
CA ARG A 269 7.92 3.49 -8.89
CA ARG A 269 7.87 3.49 -8.88
C ARG A 269 7.62 2.02 -8.57
N ILE A 270 6.48 1.55 -9.05
CA ILE A 270 6.05 0.18 -8.82
C ILE A 270 6.18 -0.68 -10.08
N GLY A 271 7.14 -1.59 -10.08
CA GLY A 271 7.35 -2.43 -11.24
C GLY A 271 6.65 -3.76 -11.10
N ILE A 272 6.18 -4.30 -12.21
CA ILE A 272 5.48 -5.57 -12.22
C ILE A 272 6.03 -6.47 -13.32
N ILE A 273 6.35 -7.71 -12.96
CA ILE A 273 6.77 -8.70 -13.94
C ILE A 273 5.67 -9.73 -14.01
N GLY A 274 5.07 -9.89 -15.19
CA GLY A 274 3.91 -10.74 -15.30
C GLY A 274 3.64 -11.27 -16.68
N ASP A 275 2.50 -11.94 -16.83
CA ASP A 275 2.10 -12.52 -18.10
C ASP A 275 0.89 -11.79 -18.70
N SER A 276 0.14 -12.52 -19.52
CA SER A 276 -0.98 -11.98 -20.29
C SER A 276 -2.00 -11.16 -19.50
N ILE A 277 -2.44 -11.71 -18.37
CA ILE A 277 -3.44 -11.08 -17.54
C ILE A 277 -2.99 -9.71 -17.05
N THR A 278 -1.71 -9.60 -16.70
CA THR A 278 -1.17 -8.35 -16.15
C THR A 278 -0.71 -7.42 -17.27
N ASP A 279 -0.37 -8.00 -18.41
CA ASP A 279 -0.11 -7.26 -19.64
C ASP A 279 -1.27 -6.29 -19.91
N GLY A 280 -2.50 -6.80 -19.84
CA GLY A 280 -3.67 -5.94 -19.92
C GLY A 280 -4.86 -6.51 -20.65
N ALA A 281 -4.87 -7.81 -20.89
CA ALA A 281 -5.97 -8.46 -21.59
C ALA A 281 -7.00 -9.00 -20.59
N TRP A 282 -8.26 -8.57 -20.70
CA TRP A 282 -8.70 -7.59 -21.69
C TRP A 282 -9.22 -6.31 -21.04
N GLY A 283 -8.29 -5.50 -20.55
CA GLY A 283 -8.65 -4.28 -19.84
C GLY A 283 -9.28 -3.23 -20.74
N LYS A 284 -8.98 -3.31 -22.02
CA LYS A 284 -9.65 -2.52 -23.05
C LYS A 284 -9.55 -3.31 -24.35
N GLN A 285 -10.55 -3.19 -25.21
CA GLN A 285 -10.59 -4.03 -26.41
C GLN A 285 -9.42 -3.79 -27.38
N ASP A 286 -8.78 -2.63 -27.28
CA ASP A 286 -7.62 -2.36 -28.12
C ASP A 286 -6.30 -2.54 -27.35
N TRP A 287 -6.27 -3.54 -26.48
CA TRP A 287 -5.07 -3.85 -25.70
C TRP A 287 -3.94 -4.40 -26.57
N SER A 288 -2.69 -4.06 -26.23
CA SER A 288 -1.54 -4.60 -26.94
C SER A 288 -0.34 -4.77 -25.99
N SER A 289 0.56 -5.68 -26.35
CA SER A 289 1.72 -5.99 -25.51
C SER A 289 2.81 -4.93 -25.64
N PRO A 290 3.72 -4.87 -24.64
CA PRO A 290 4.91 -4.01 -24.77
C PRO A 290 5.76 -4.47 -25.96
N PRO A 291 6.53 -3.57 -26.57
CA PRO A 291 7.37 -4.00 -27.70
C PRO A 291 8.43 -5.00 -27.26
N THR A 292 8.65 -6.01 -28.09
CA THR A 292 9.63 -7.06 -27.83
C THR A 292 10.52 -7.26 -29.06
N ASN A 293 11.77 -7.68 -28.84
CA ASN A 293 12.70 -7.89 -29.94
C ASN A 293 12.48 -9.23 -30.64
N SER A 294 13.38 -9.58 -31.55
CA SER A 294 13.26 -10.82 -32.31
C SER A 294 13.51 -12.05 -31.43
N ASP A 295 14.14 -11.84 -30.28
CA ASP A 295 14.37 -12.93 -29.34
C ASP A 295 13.16 -13.18 -28.47
N GLY A 296 12.22 -12.23 -28.48
CA GLY A 296 11.04 -12.32 -27.63
C GLY A 296 11.18 -11.58 -26.31
N ASP A 297 12.28 -10.84 -26.15
CA ASP A 297 12.50 -10.07 -24.93
C ASP A 297 12.10 -8.62 -25.09
N LEU A 298 11.87 -7.95 -23.97
CA LEU A 298 11.57 -6.53 -23.93
C LEU A 298 12.65 -5.70 -24.63
N ASP A 299 12.22 -4.77 -25.48
CA ASP A 299 13.13 -3.88 -26.16
C ASP A 299 13.91 -3.01 -25.19
N ALA A 300 15.22 -2.92 -25.40
CA ALA A 300 16.07 -2.04 -24.64
C ALA A 300 17.25 -1.61 -25.49
N PRO A 301 17.63 -0.32 -25.43
CA PRO A 301 17.04 0.73 -24.58
C PRO A 301 15.65 1.15 -25.05
N SER A 302 14.89 1.80 -24.18
CA SER A 302 13.49 2.07 -24.45
C SER A 302 12.99 3.31 -23.74
N THR A 303 11.95 3.91 -24.31
CA THR A 303 11.23 5.02 -23.69
C THR A 303 9.75 4.66 -23.63
N TYR A 304 9.47 3.36 -23.71
CA TYR A 304 8.11 2.87 -23.72
C TYR A 304 7.48 2.92 -22.32
N ASN A 305 6.23 3.38 -22.25
CA ASN A 305 5.46 3.25 -21.02
C ASN A 305 4.15 2.53 -21.32
N HIS A 306 4.00 1.34 -20.73
CA HIS A 306 2.85 0.49 -20.99
C HIS A 306 1.54 1.12 -20.52
N SER A 307 1.62 1.89 -19.44
CA SER A 307 0.45 2.53 -18.84
C SER A 307 -0.13 3.62 -19.72
N LEU A 308 0.68 4.14 -20.64
CA LEU A 308 0.23 5.17 -21.55
C LEU A 308 -0.09 4.57 -22.91
N SER A 309 -0.02 3.24 -23.00
CA SER A 309 -0.21 2.55 -24.26
C SER A 309 -1.17 1.37 -24.13
N GLY A 310 -0.80 0.23 -24.71
CA GLY A 310 -1.67 -0.92 -24.77
C GLY A 310 -2.07 -1.50 -23.43
N GLY A 311 -1.31 -1.17 -22.38
CA GLY A 311 -1.63 -1.64 -21.04
C GLY A 311 -2.21 -0.55 -20.17
N SER A 312 -2.85 0.44 -20.81
CA SER A 312 -3.39 1.58 -20.09
C SER A 312 -4.50 1.18 -19.13
N HIS A 313 -5.14 0.05 -19.38
CA HIS A 313 -6.24 -0.39 -18.54
C HIS A 313 -6.05 -1.79 -17.98
N SER A 314 -4.81 -2.11 -17.64
CA SER A 314 -4.50 -3.31 -16.89
C SER A 314 -4.87 -3.09 -15.41
N TRP A 315 -5.05 -4.18 -14.67
CA TRP A 315 -5.38 -4.10 -13.25
C TRP A 315 -4.34 -3.27 -12.49
N THR A 316 -3.10 -3.26 -12.98
CA THR A 316 -2.05 -2.46 -12.38
C THR A 316 -2.40 -0.97 -12.42
N GLU A 317 -2.92 -0.51 -13.55
CA GLU A 317 -3.25 0.90 -13.69
C GLU A 317 -4.51 1.27 -12.91
N HIS A 318 -5.40 0.31 -12.70
CA HIS A 318 -6.58 0.55 -11.84
C HIS A 318 -6.15 0.57 -10.38
N TRP A 319 -5.18 -0.28 -10.05
CA TRP A 319 -4.51 -0.24 -8.76
C TRP A 319 -3.88 1.13 -8.53
N ASN A 321 -4.71 3.94 -9.94
CA ASN A 321 -5.84 4.87 -9.80
C ASN A 321 -6.31 5.00 -8.35
N GLY A 322 -6.43 3.87 -7.66
CA GLY A 322 -6.81 3.86 -6.26
C GLY A 322 -5.76 4.51 -5.39
N LEU A 323 -4.50 4.19 -5.64
CA LEU A 323 -3.41 4.81 -4.91
C LEU A 323 -3.40 6.32 -5.11
N LEU A 324 -3.54 6.75 -6.36
CA LEU A 324 -3.47 8.18 -6.70
C LEU A 324 -4.65 8.95 -6.16
N LEU A 325 -5.81 8.29 -6.09
CA LEU A 325 -6.98 8.92 -5.49
C LEU A 325 -6.81 9.02 -3.98
N THR A 326 -6.05 8.11 -3.38
CA THR A 326 -5.72 8.23 -1.96
C THR A 326 -4.65 9.31 -1.77
N GLN A 327 -3.68 9.34 -2.67
CA GLN A 327 -2.62 10.34 -2.65
C GLN A 327 -3.20 11.76 -2.80
N SER A 328 -4.27 11.87 -3.58
CA SER A 328 -4.89 13.16 -3.87
C SER A 328 -5.36 13.88 -2.60
N ARG A 329 -5.54 13.13 -1.52
CA ARG A 329 -5.99 13.70 -0.25
C ARG A 329 -4.86 14.47 0.45
N ARG A 330 -3.63 14.30 -0.02
CA ARG A 330 -2.51 15.08 0.47
C ARG A 330 -2.02 16.09 -0.56
N SER A 331 -1.83 15.64 -1.79
CA SER A 331 -1.16 16.45 -2.79
C SER A 331 -1.60 16.13 -4.22
N GLY A 332 -1.26 17.02 -5.15
CA GLY A 332 -1.54 16.79 -6.55
C GLY A 332 -0.40 16.08 -7.25
N GLU A 333 0.74 15.94 -6.56
CA GLU A 333 1.92 15.30 -7.12
C GLU A 333 1.65 13.82 -7.36
N THR A 334 2.16 13.29 -8.47
CA THR A 334 1.92 11.91 -8.84
C THR A 334 3.05 10.99 -8.38
N ILE A 335 3.01 10.56 -7.12
CA ILE A 335 4.10 9.79 -6.55
C ILE A 335 4.03 8.29 -6.86
N TYR A 336 2.84 7.80 -7.23
CA TYR A 336 2.69 6.38 -7.57
C TYR A 336 2.59 6.16 -9.08
N GLN A 337 3.62 5.54 -9.65
CA GLN A 337 3.59 5.21 -11.07
C GLN A 337 4.08 3.79 -11.31
N SER A 338 3.54 3.16 -12.34
CA SER A 338 3.85 1.76 -12.62
C SER A 338 4.95 1.59 -13.66
N ALA A 339 5.59 0.42 -13.61
CA ALA A 339 6.47 -0.05 -14.67
C ALA A 339 6.04 -1.46 -15.01
N ASN A 340 5.01 -1.57 -15.83
CA ASN A 340 4.39 -2.85 -16.11
C ASN A 340 5.12 -3.58 -17.22
N CYS A 341 6.03 -4.46 -16.82
CA CYS A 341 6.79 -5.28 -17.77
C CYS A 341 6.15 -6.66 -17.87
N SER A 342 4.95 -6.69 -18.44
CA SER A 342 4.20 -7.92 -18.57
C SER A 342 3.90 -8.19 -20.04
N VAL A 343 4.17 -9.42 -20.48
CA VAL A 343 3.97 -9.77 -21.87
C VAL A 343 3.19 -11.07 -21.96
N SER A 344 2.19 -11.10 -22.82
CA SER A 344 1.36 -12.27 -23.01
C SER A 344 2.17 -13.42 -23.60
N GLY A 345 1.98 -14.61 -23.04
CA GLY A 345 2.63 -15.82 -23.54
C GLY A 345 3.99 -16.12 -22.92
N LYS A 346 4.45 -15.25 -22.02
CA LYS A 346 5.75 -15.45 -21.40
C LYS A 346 5.64 -16.24 -20.12
N LYS A 347 6.71 -16.93 -19.75
CA LYS A 347 6.69 -17.86 -18.64
C LYS A 347 7.80 -17.59 -17.64
N LEU A 348 7.55 -17.98 -16.39
CA LEU A 348 8.59 -17.90 -15.37
C LEU A 348 9.51 -19.11 -15.48
N SER A 349 8.96 -20.24 -15.91
CA SER A 349 9.73 -21.48 -16.05
C SER A 349 10.80 -21.37 -17.13
N ASP A 350 10.56 -20.51 -18.11
CA ASP A 350 11.52 -20.28 -19.19
C ASP A 350 12.73 -19.47 -18.75
N GLY A 351 12.57 -18.72 -17.66
CA GLY A 351 13.60 -17.77 -17.25
C GLY A 351 13.36 -16.39 -17.83
N TRP A 352 12.20 -16.19 -18.47
CA TRP A 352 11.89 -14.94 -19.14
C TRP A 352 11.73 -13.78 -18.15
N GLY A 353 11.04 -14.02 -17.04
CA GLY A 353 10.82 -12.99 -16.04
C GLY A 353 12.10 -12.60 -15.33
N TYR A 354 13.00 -13.57 -15.16
CA TYR A 354 14.29 -13.32 -14.53
C TYR A 354 15.18 -12.47 -15.41
N ARG A 355 15.23 -12.81 -16.69
CA ARG A 355 16.04 -12.08 -17.65
C ARG A 355 15.51 -10.66 -17.87
N ASN A 356 14.19 -10.54 -18.01
CA ASN A 356 13.60 -9.28 -18.41
C ASN A 356 13.37 -8.33 -17.25
N PHE A 357 13.68 -8.79 -16.04
CA PHE A 357 13.82 -7.89 -14.92
C PHE A 357 14.83 -6.81 -15.30
N ASP A 358 16.03 -7.24 -15.70
CA ASP A 358 17.09 -6.31 -16.13
C ASP A 358 16.65 -5.47 -17.31
N ARG A 359 16.21 -6.13 -18.38
CA ARG A 359 15.85 -5.45 -19.61
C ARG A 359 14.69 -4.49 -19.44
N GLY A 360 13.73 -4.88 -18.61
CA GLY A 360 12.53 -4.08 -18.40
C GLY A 360 12.77 -2.84 -17.55
N PHE A 361 13.54 -2.98 -16.49
CA PHE A 361 13.75 -1.87 -15.56
C PHE A 361 15.05 -1.10 -15.84
N PHE A 362 16.16 -1.81 -16.00
CA PHE A 362 17.44 -1.15 -16.29
C PHE A 362 17.41 -0.55 -17.69
N GLY A 363 16.73 -1.24 -18.61
CA GLY A 363 16.80 -0.90 -20.01
C GLY A 363 15.79 0.13 -20.48
N ASN A 364 14.99 0.63 -19.54
CA ASN A 364 13.95 1.59 -19.87
C ASN A 364 14.13 2.88 -19.06
N THR A 365 14.48 3.96 -19.76
CA THR A 365 14.77 5.20 -19.07
C THR A 365 13.50 5.91 -18.60
N ARG A 366 12.36 5.64 -19.24
CA ARG A 366 11.07 6.13 -18.73
C ARG A 366 10.69 5.43 -17.43
N TYR A 367 11.21 4.21 -17.23
CA TYR A 367 10.99 3.51 -15.97
C TYR A 367 12.14 3.79 -15.01
N GLY A 368 12.96 4.78 -15.34
CA GLY A 368 14.01 5.23 -14.44
C GLY A 368 15.36 4.60 -14.70
N ALA A 369 15.39 3.62 -15.60
CA ALA A 369 16.61 2.88 -15.93
C ALA A 369 17.30 2.38 -14.67
N GLU A 370 16.52 1.78 -13.78
CA GLU A 370 17.01 1.30 -12.49
C GLU A 370 16.03 0.30 -11.89
N ALA A 371 16.46 -0.39 -10.82
CA ALA A 371 15.54 -1.24 -10.08
C ALA A 371 14.42 -0.37 -9.50
N PRO A 372 13.18 -0.87 -9.57
CA PRO A 372 12.05 -0.09 -9.04
C PRO A 372 11.94 -0.22 -7.52
N ARG A 373 11.34 0.77 -6.87
CA ARG A 373 11.19 0.78 -5.42
C ARG A 373 10.37 -0.41 -4.95
N VAL A 374 9.33 -0.74 -5.70
CA VAL A 374 8.55 -1.94 -5.46
C VAL A 374 8.66 -2.86 -6.66
N CYS A 375 8.83 -4.16 -6.42
CA CYS A 375 8.81 -5.14 -7.51
C CYS A 375 7.78 -6.24 -7.25
N ILE A 376 6.85 -6.37 -8.18
CA ILE A 376 5.80 -7.35 -8.06
C ILE A 376 5.98 -8.48 -9.06
N LEU A 377 6.01 -9.71 -8.56
CA LEU A 377 6.03 -10.89 -9.42
C LEU A 377 4.59 -11.36 -9.61
N ALA A 378 4.07 -11.27 -10.82
CA ALA A 378 2.65 -11.55 -11.08
C ALA A 378 2.46 -12.74 -12.01
N GLY A 380 2.44 -16.74 -13.34
CA GLY A 380 1.96 -17.97 -12.75
C GLY A 380 1.10 -18.81 -13.66
N TRP A 381 0.18 -18.17 -14.37
CA TRP A 381 -0.83 -18.90 -15.14
C TRP A 381 -0.23 -19.80 -16.23
N ASN A 382 0.68 -19.25 -17.01
CA ASN A 382 1.29 -19.99 -18.11
C ASN A 382 1.97 -21.29 -17.69
N ASP A 383 2.68 -21.25 -16.57
CA ASP A 383 3.45 -22.40 -16.10
C ASP A 383 2.66 -23.31 -15.16
N SER A 384 2.08 -24.36 -15.72
CA SER A 384 1.36 -25.36 -14.92
C SER A 384 1.84 -26.76 -15.26
N SER A 385 2.64 -26.88 -16.31
CA SER A 385 3.20 -28.16 -16.72
C SER A 385 4.58 -28.37 -16.08
N ALA A 386 5.14 -27.27 -15.56
CA ALA A 386 6.42 -27.34 -14.87
C ALA A 386 6.23 -27.88 -13.46
N SER A 387 7.26 -28.54 -12.93
CA SER A 387 7.22 -29.09 -11.58
CA SER A 387 7.21 -29.08 -11.59
C SER A 387 6.99 -28.00 -10.54
N ILE A 388 6.44 -28.38 -9.40
CA ILE A 388 6.30 -27.48 -8.27
C ILE A 388 7.70 -27.05 -7.82
N ALA A 389 8.61 -28.01 -7.78
CA ALA A 389 9.99 -27.76 -7.37
C ALA A 389 10.68 -26.79 -8.34
N THR A 390 10.50 -27.04 -9.64
CA THR A 390 11.06 -26.17 -10.66
C THR A 390 10.57 -24.74 -10.48
N TYR A 391 9.26 -24.58 -10.30
CA TYR A 391 8.67 -23.26 -10.23
C TYR A 391 9.10 -22.53 -8.95
N ARG A 392 9.26 -23.28 -7.86
CA ARG A 392 9.70 -22.70 -6.59
C ARG A 392 11.09 -22.12 -6.75
N ASP A 393 11.95 -22.85 -7.45
CA ASP A 393 13.34 -22.43 -7.64
C ASP A 393 13.42 -21.17 -8.48
N GLN A 394 12.52 -21.05 -9.46
CA GLN A 394 12.48 -19.87 -10.30
C GLN A 394 12.02 -18.65 -9.51
N ILE A 395 11.10 -18.86 -8.58
CA ILE A 395 10.62 -17.78 -7.74
C ILE A 395 11.75 -17.34 -6.81
N ASP A 396 12.45 -18.31 -6.25
CA ASP A 396 13.60 -18.04 -5.40
C ASP A 396 14.65 -17.20 -6.13
N LYS A 397 15.00 -17.65 -7.33
CA LYS A 397 15.94 -16.93 -8.17
C LYS A 397 15.48 -15.48 -8.41
N PHE A 398 14.22 -15.31 -8.80
CA PHE A 398 13.68 -13.99 -9.09
C PHE A 398 13.70 -13.07 -7.87
N VAL A 399 13.24 -13.58 -6.73
CA VAL A 399 13.13 -12.76 -5.53
C VAL A 399 14.51 -12.27 -5.07
N ARG A 400 15.51 -13.13 -5.17
CA ARG A 400 16.82 -12.78 -4.67
C ARG A 400 17.52 -11.77 -5.58
N LYS A 401 17.28 -11.85 -6.88
CA LYS A 401 17.75 -10.82 -7.78
C LYS A 401 17.15 -9.47 -7.40
N ALA A 402 15.83 -9.46 -7.16
CA ALA A 402 15.13 -8.23 -6.84
C ALA A 402 15.55 -7.71 -5.47
N TRP A 403 15.70 -8.62 -4.50
CA TRP A 403 16.23 -8.27 -3.19
C TRP A 403 17.59 -7.59 -3.29
N GLY A 404 18.48 -8.21 -4.08
CA GLY A 404 19.84 -7.72 -4.21
C GLY A 404 19.93 -6.32 -4.80
N TYR A 405 18.97 -5.98 -5.65
CA TYR A 405 19.00 -4.69 -6.31
C TYR A 405 18.21 -3.62 -5.55
N GLY A 406 17.66 -3.99 -4.40
CA GLY A 406 17.05 -3.02 -3.50
C GLY A 406 15.52 -2.95 -3.51
N CYS A 407 14.87 -3.84 -4.25
CA CYS A 407 13.41 -3.82 -4.40
C CYS A 407 12.66 -4.36 -3.18
N ALA A 408 11.54 -3.72 -2.85
CA ALA A 408 10.58 -4.31 -1.92
C ALA A 408 9.70 -5.27 -2.73
N VAL A 409 9.86 -6.56 -2.45
CA VAL A 409 9.28 -7.60 -3.28
C VAL A 409 7.90 -8.05 -2.79
N GLY A 410 6.96 -8.15 -3.73
CA GLY A 410 5.66 -8.75 -3.46
C GLY A 410 5.36 -9.81 -4.50
N ILE A 411 4.54 -10.78 -4.12
CA ILE A 411 4.11 -11.84 -5.02
C ILE A 411 2.57 -11.84 -5.11
N VAL A 412 2.03 -11.85 -6.32
CA VAL A 412 0.57 -11.74 -6.46
C VAL A 412 -0.02 -12.79 -7.39
N THR A 413 -1.07 -13.44 -6.89
CA THR A 413 -1.94 -14.27 -7.70
C THR A 413 -3.10 -13.41 -8.18
N VAL A 414 -3.34 -13.39 -9.48
CA VAL A 414 -4.31 -12.45 -10.04
C VAL A 414 -5.68 -13.08 -10.34
N ASN A 415 -5.71 -14.40 -10.55
CA ASN A 415 -6.94 -15.05 -10.99
C ASN A 415 -7.16 -16.39 -10.28
N ASP A 416 -8.43 -16.68 -9.95
CA ASP A 416 -8.79 -17.92 -9.27
C ASP A 416 -9.73 -18.80 -10.08
N ASN A 417 -9.90 -18.51 -11.36
CA ASN A 417 -10.99 -19.13 -12.11
C ASN A 417 -10.67 -20.52 -12.67
N ASP A 418 -9.45 -20.99 -12.45
CA ASP A 418 -9.07 -22.33 -12.88
C ASP A 418 -8.80 -23.22 -11.67
N SER A 419 -9.48 -24.36 -11.63
CA SER A 419 -9.39 -25.32 -10.53
C SER A 419 -7.96 -25.75 -10.22
N VAL A 420 -7.23 -26.17 -11.24
CA VAL A 420 -5.87 -26.69 -11.05
C VAL A 420 -4.89 -25.56 -10.75
N ARG A 421 -5.09 -24.41 -11.37
CA ARG A 421 -4.17 -23.28 -11.17
C ARG A 421 -4.20 -22.77 -9.73
N ALA A 423 -4.62 -24.48 -7.01
CA ALA A 423 -3.80 -25.38 -6.22
C ALA A 423 -2.32 -25.20 -6.54
N PHE A 424 -2.01 -25.03 -7.82
CA PHE A 424 -0.64 -24.78 -8.24
C PHE A 424 -0.09 -23.49 -7.62
N GLU A 425 -0.86 -22.41 -7.74
CA GLU A 425 -0.47 -21.11 -7.21
C GLU A 425 -0.21 -21.18 -5.71
N LEU A 426 -1.01 -21.96 -5.01
CA LEU A 426 -0.88 -22.11 -3.57
C LEU A 426 0.43 -22.80 -3.22
N SER A 427 0.82 -23.78 -4.02
CA SER A 427 1.96 -24.64 -3.71
C SER A 427 3.28 -24.03 -4.14
N THR A 428 3.19 -22.96 -4.91
CA THR A 428 4.39 -22.29 -5.40
C THR A 428 4.46 -20.85 -4.88
N LYS A 429 3.62 -19.99 -5.44
CA LYS A 429 3.67 -18.57 -5.13
C LYS A 429 3.30 -18.22 -3.70
N LYS A 430 2.28 -18.89 -3.17
CA LYS A 430 1.87 -18.65 -1.79
C LYS A 430 2.88 -19.29 -0.85
N TYR A 431 3.33 -20.48 -1.23
CA TYR A 431 4.31 -21.23 -0.46
C TYR A 431 5.61 -20.46 -0.30
N ALA A 433 6.17 -17.26 -0.88
CA ALA A 433 5.97 -15.97 -0.26
C ALA A 433 6.14 -16.09 1.25
N ASP A 434 5.55 -17.13 1.82
CA ASP A 434 5.64 -17.38 3.25
C ASP A 434 7.05 -17.77 3.66
N LYS A 435 7.67 -18.65 2.89
CA LYS A 435 8.99 -19.17 3.20
C LYS A 435 10.09 -18.10 3.09
N LEU A 436 9.96 -17.23 2.10
CA LEU A 436 10.94 -16.17 1.89
C LEU A 436 10.64 -14.95 2.74
N GLY A 437 9.41 -14.86 3.23
CA GLY A 437 9.01 -13.73 4.05
C GLY A 437 8.73 -12.50 3.22
N VAL A 438 8.00 -12.67 2.12
CA VAL A 438 7.59 -11.53 1.31
C VAL A 438 6.08 -11.49 1.21
N GLU A 439 5.52 -10.29 1.12
CA GLU A 439 4.07 -10.12 1.13
C GLU A 439 3.41 -10.84 -0.05
N TYR A 440 2.28 -11.48 0.24
CA TYR A 440 1.54 -12.23 -0.77
C TYR A 440 0.18 -11.59 -0.99
N PHE A 441 -0.24 -11.54 -2.25
CA PHE A 441 -1.53 -10.93 -2.58
C PHE A 441 -2.37 -11.83 -3.50
N ASN A 442 -3.66 -11.89 -3.26
CA ASN A 442 -4.55 -12.61 -4.17
C ASN A 442 -5.73 -11.73 -4.60
N LEU A 443 -5.80 -11.46 -5.91
CA LEU A 443 -6.83 -10.60 -6.45
C LEU A 443 -8.05 -11.43 -6.87
N GLY A 444 -7.86 -12.74 -6.94
CA GLY A 444 -8.91 -13.66 -7.33
C GLY A 444 -10.26 -13.52 -6.66
N PRO A 445 -10.28 -13.56 -5.31
CA PRO A 445 -11.55 -13.50 -4.57
C PRO A 445 -12.46 -12.34 -4.99
N ASN A 446 -11.90 -11.16 -5.18
CA ASN A 446 -12.73 -10.01 -5.55
C ASN A 446 -13.21 -10.09 -6.99
N LEU A 447 -12.40 -10.72 -7.85
CA LEU A 447 -12.82 -10.96 -9.22
C LEU A 447 -14.05 -11.88 -9.21
N THR A 448 -13.97 -12.93 -8.40
CA THR A 448 -15.06 -13.87 -8.24
C THR A 448 -16.34 -13.18 -7.74
N SER A 449 -16.20 -12.28 -6.76
CA SER A 449 -17.34 -11.54 -6.24
C SER A 449 -17.99 -10.68 -7.30
N ALA A 450 -17.20 -9.79 -7.89
CA ALA A 450 -17.71 -8.87 -8.90
C ALA A 450 -18.35 -9.61 -10.06
N SER A 451 -17.68 -10.67 -10.53
CA SER A 451 -18.15 -11.39 -11.71
C SER A 451 -19.36 -12.28 -11.42
N SER A 452 -19.60 -12.59 -10.15
CA SER A 452 -20.71 -13.45 -9.77
C SER A 452 -21.85 -12.71 -9.09
N ARG A 453 -22.00 -11.43 -9.39
CA ARG A 453 -23.06 -10.63 -8.75
C ARG A 453 -24.45 -11.11 -9.16
N ASN A 454 -24.66 -11.38 -10.46
CA ASN A 454 -25.94 -11.93 -10.92
C ASN A 454 -25.79 -12.83 -12.16
N GLU A 455 -26.90 -13.04 -12.85
CA GLU A 455 -26.94 -13.96 -13.98
C GLU A 455 -26.38 -13.35 -15.25
N GLN A 456 -26.13 -12.05 -15.23
CA GLN A 456 -25.66 -11.36 -16.43
C GLN A 456 -24.18 -10.95 -16.36
N THR A 457 -23.62 -10.82 -15.16
CA THR A 457 -22.25 -10.33 -15.02
C THR A 457 -21.23 -11.26 -15.67
N GLY A 458 -21.56 -12.54 -15.78
CA GLY A 458 -20.69 -13.49 -16.44
C GLY A 458 -20.40 -13.07 -17.87
N TYR A 459 -21.39 -12.48 -18.52
CA TYR A 459 -21.20 -11.93 -19.85
C TYR A 459 -20.24 -10.74 -19.82
N TYR A 460 -20.50 -9.81 -18.91
CA TYR A 460 -19.73 -8.56 -18.84
C TYR A 460 -18.27 -8.79 -18.45
N TYR A 461 -17.99 -9.91 -17.80
CA TYR A 461 -16.67 -10.14 -17.24
C TYR A 461 -15.83 -11.12 -18.05
N TYR A 462 -16.49 -12.02 -18.79
CA TYR A 462 -15.76 -13.13 -19.39
C TYR A 462 -16.06 -13.39 -20.87
N VAL A 463 -16.89 -12.57 -21.49
CA VAL A 463 -17.18 -12.78 -22.91
C VAL A 463 -16.41 -11.79 -23.78
N LYS A 464 -15.58 -12.33 -24.68
CA LYS A 464 -14.74 -11.51 -25.53
C LYS A 464 -15.52 -10.90 -26.69
N LYS A 465 -14.93 -9.91 -27.34
CA LYS A 465 -15.56 -9.21 -28.46
C LYS A 465 -15.98 -10.14 -29.61
N ASP A 466 -15.32 -11.29 -29.73
CA ASP A 466 -15.65 -12.25 -30.77
C ASP A 466 -16.69 -13.27 -30.27
N GLY A 467 -17.26 -13.00 -29.10
CA GLY A 467 -18.33 -13.80 -28.55
C GLY A 467 -17.90 -15.13 -27.95
N THR A 468 -16.61 -15.27 -27.64
CA THR A 468 -16.12 -16.49 -27.00
C THR A 468 -15.94 -16.28 -25.50
N TRP A 469 -15.88 -17.39 -24.77
CA TRP A 469 -15.79 -17.40 -23.31
C TRP A 469 -14.33 -17.49 -22.81
N ASP A 470 -13.94 -16.54 -21.96
CA ASP A 470 -12.58 -16.51 -21.41
C ASP A 470 -12.56 -16.00 -19.97
N THR A 471 -12.37 -16.92 -19.02
CA THR A 471 -12.31 -16.56 -17.61
C THR A 471 -10.87 -16.38 -17.15
N THR A 472 -9.94 -16.61 -18.06
CA THR A 472 -8.53 -16.43 -17.79
C THR A 472 -8.12 -14.96 -17.98
N HIS A 473 -8.60 -14.36 -19.05
CA HIS A 473 -8.32 -12.96 -19.34
C HIS A 473 -9.60 -12.13 -19.27
N PRO A 474 -9.92 -11.61 -18.07
CA PRO A 474 -11.20 -10.92 -17.84
C PRO A 474 -11.34 -9.67 -18.70
N GLN A 475 -12.58 -9.27 -18.96
CA GLN A 475 -12.87 -8.01 -19.64
C GLN A 475 -12.62 -6.81 -18.72
N GLU A 476 -12.99 -5.63 -19.22
CA GLU A 476 -12.66 -4.36 -18.56
C GLU A 476 -13.04 -4.30 -17.08
N LEU A 477 -14.25 -4.74 -16.75
CA LEU A 477 -14.72 -4.73 -15.37
C LEU A 477 -13.94 -5.71 -14.49
N GLY A 478 -13.46 -6.79 -15.10
CA GLY A 478 -12.68 -7.78 -14.38
C GLY A 478 -11.32 -7.23 -14.00
N GLN A 479 -10.68 -6.56 -14.96
CA GLN A 479 -9.40 -5.93 -14.73
C GLN A 479 -9.50 -4.87 -13.64
N ALA A 481 -11.78 -4.90 -11.12
CA ALA A 481 -12.05 -5.57 -9.86
C ALA A 481 -10.75 -6.13 -9.27
N GLY A 483 -7.60 -4.87 -9.82
CA GLY A 483 -6.92 -3.68 -9.33
C GLY A 483 -7.48 -3.18 -8.02
N ASN A 484 -8.80 -3.24 -7.87
CA ASN A 484 -9.46 -2.83 -6.64
C ASN A 484 -9.04 -3.67 -5.43
N ALA A 485 -8.92 -4.99 -5.65
CA ALA A 485 -8.45 -5.89 -4.62
C ALA A 485 -7.04 -5.53 -4.19
N TYR A 487 -5.63 -2.67 -4.40
CA TYR A 487 -5.68 -1.41 -3.67
C TYR A 487 -6.11 -1.64 -2.22
N GLN A 489 -5.72 -4.30 -0.49
CA GLN A 489 -4.66 -5.02 0.22
C GLN A 489 -3.39 -4.18 0.36
N THR A 490 -3.45 -2.92 -0.07
CA THR A 490 -2.33 -2.00 0.15
C THR A 490 -2.80 -0.77 0.93
N LEU A 491 -2.80 0.42 0.30
CA LEU A 491 -3.24 1.64 0.97
C LEU A 491 -4.68 1.57 1.47
N GLY A 492 -5.53 0.86 0.73
CA GLY A 492 -6.93 0.74 1.07
C GLY A 492 -7.18 0.18 2.46
N ASN A 493 -6.22 -0.57 2.95
CA ASN A 493 -6.34 -1.22 4.25
C ASN A 493 -6.55 -0.25 5.40
N LYS A 494 -5.95 0.94 5.32
CA LYS A 494 -6.08 1.93 6.38
C LYS A 494 -6.82 3.16 5.87
N TYR A 495 -6.90 3.32 4.56
CA TYR A 495 -7.42 4.56 4.00
C TYR A 495 -8.78 4.38 3.34
N CYS A 496 -9.32 3.19 3.46
CA CYS A 496 -10.65 2.91 2.93
C CYS A 496 -11.44 2.09 3.95
N ARG A 497 -12.59 2.59 4.35
CA ARG A 497 -13.38 1.90 5.38
C ARG A 497 -14.20 0.77 4.79
N ARG A 498 -14.27 -0.32 5.55
CA ARG A 498 -15.10 -1.45 5.18
C ARG A 498 -16.47 -1.26 5.83
N VAL A 499 -17.53 -1.27 5.02
CA VAL A 499 -18.85 -0.95 5.55
C VAL A 499 -19.88 -2.05 5.33
N ARG A 500 -20.85 -2.10 6.24
CA ARG A 500 -22.03 -2.95 6.15
C ARG A 500 -23.22 -2.08 6.45
N PRO A 501 -24.44 -2.53 6.10
CA PRO A 501 -25.63 -1.74 6.45
C PRO A 501 -25.64 -1.35 7.92
N GLY A 502 -25.97 -0.09 8.19
CA GLY A 502 -25.98 0.42 9.54
C GLY A 502 -24.82 1.36 9.83
N ASP A 503 -23.74 1.25 9.06
CA ASP A 503 -22.57 2.09 9.27
C ASP A 503 -22.78 3.50 8.71
N LEU A 505 -20.35 7.13 7.62
CA LEU A 505 -19.10 7.86 7.51
C LEU A 505 -19.38 9.30 7.95
N THR A 506 -18.82 9.70 9.08
CA THR A 506 -19.17 11.01 9.66
C THR A 506 -18.17 12.10 9.30
N GLN A 507 -18.18 13.18 10.08
CA GLN A 507 -17.36 14.35 9.76
C GLN A 507 -16.00 14.25 10.43
N ALA A 508 -15.79 13.19 11.21
CA ALA A 508 -14.55 12.99 11.94
C ALA A 508 -13.52 12.28 11.08
N ALA A 509 -12.28 12.77 11.15
CA ALA A 509 -11.16 12.20 10.39
C ALA A 509 -11.47 12.12 8.90
N VAL A 510 -12.08 13.15 8.35
CA VAL A 510 -12.42 13.12 6.93
C VAL A 510 -11.16 13.11 6.07
N GLU A 511 -10.09 13.71 6.58
CA GLU A 511 -8.83 13.78 5.84
C GLU A 511 -8.27 12.40 5.51
N ASN A 512 -8.62 11.42 6.34
CA ASN A 512 -8.29 10.02 6.05
C ASN A 512 -9.00 9.47 4.83
N TYR A 513 -10.21 9.95 4.57
CA TYR A 513 -11.08 9.32 3.57
C TYR A 513 -11.46 10.22 2.41
N TRP A 514 -11.31 11.52 2.57
CA TRP A 514 -11.74 12.46 1.55
C TRP A 514 -10.60 13.30 1.00
N ASP A 515 -10.73 13.70 -0.26
CA ASP A 515 -9.92 14.80 -0.77
C ASP A 515 -10.85 15.96 -1.10
N CYS A 516 -10.27 17.10 -1.45
CA CYS A 516 -11.03 18.27 -1.82
C CYS A 516 -10.21 19.10 -2.81
N VAL A 517 -10.48 18.89 -4.09
CA VAL A 517 -9.76 19.59 -5.15
C VAL A 517 -10.63 20.69 -5.75
N GLY A 518 -10.08 21.90 -5.80
CA GLY A 518 -10.80 23.03 -6.38
C GLY A 518 -10.68 23.11 -7.89
N TYR A 519 -11.72 23.61 -8.53
CA TYR A 519 -11.68 23.88 -9.96
C TYR A 519 -12.01 25.35 -10.20
N PRO A 520 -11.26 26.02 -11.10
CA PRO A 520 -10.20 25.47 -11.95
C PRO A 520 -8.79 25.54 -11.38
N SER A 521 -8.62 26.05 -10.17
CA SER A 521 -7.28 26.26 -9.62
C SER A 521 -6.50 24.95 -9.50
N GLY A 522 -7.20 23.86 -9.21
CA GLY A 522 -6.55 22.57 -9.07
C GLY A 522 -5.88 22.40 -7.72
N THR A 523 -6.22 23.29 -6.78
CA THR A 523 -5.70 23.23 -5.43
C THR A 523 -6.28 22.05 -4.65
N HIS A 524 -5.41 21.29 -3.99
CA HIS A 524 -5.86 20.25 -3.07
C HIS A 524 -5.95 20.82 -1.66
N TYR A 525 -7.17 21.07 -1.20
CA TYR A 525 -7.40 21.75 0.07
C TYR A 525 -7.32 20.80 1.27
N ALA A 526 -6.96 21.35 2.42
CA ALA A 526 -6.90 20.58 3.65
C ALA A 526 -8.09 20.87 4.54
N PRO A 527 -8.73 19.82 5.07
CA PRO A 527 -9.92 19.96 5.91
C PRO A 527 -9.65 20.76 7.19
N GLN A 528 -10.66 21.50 7.63
CA GLN A 528 -10.60 22.22 8.89
C GLN A 528 -11.80 21.82 9.73
N TYR A 529 -11.65 21.80 11.05
CA TYR A 529 -12.77 21.50 11.93
C TYR A 529 -13.24 22.77 12.62
N VAL A 530 -14.45 23.21 12.26
CA VAL A 530 -14.97 24.46 12.81
C VAL A 530 -16.22 24.20 13.65
N PRO A 531 -16.37 24.99 14.73
CA PRO A 531 -17.57 24.89 15.57
C PRO A 531 -18.78 25.50 14.87
N VAL A 532 -19.91 24.82 14.98
CA VAL A 532 -21.13 25.30 14.34
C VAL A 532 -22.27 25.37 15.37
N SER A 533 -23.14 26.36 15.21
CA SER A 533 -24.32 26.52 16.05
C SER A 533 -25.31 27.49 15.41
N GLY A 534 -26.41 27.76 16.12
CA GLY A 534 -27.37 28.76 15.66
C GLY A 534 -28.52 28.16 14.87
N ALA A 535 -28.55 26.84 14.80
CA ALA A 535 -29.62 26.10 14.16
C ALA A 535 -29.63 24.71 14.77
N PRO A 536 -30.83 24.15 15.00
CA PRO A 536 -31.01 22.90 15.76
C PRO A 536 -30.08 21.77 15.33
N ALA A 537 -29.99 21.52 14.02
CA ALA A 537 -29.15 20.43 13.51
C ALA A 537 -27.66 20.70 13.75
N LEU A 538 -27.26 21.96 13.65
CA LEU A 538 -25.87 22.34 13.90
C LEU A 538 -25.51 22.13 15.37
N ASN A 539 -26.48 22.38 16.25
CA ASN A 539 -26.27 22.15 17.68
C ASN A 539 -26.11 20.68 18.01
N VAL A 540 -26.56 19.83 17.09
CA VAL A 540 -26.37 18.40 17.23
C VAL A 540 -24.95 18.04 16.82
N PHE A 541 -24.49 18.62 15.71
CA PHE A 541 -23.15 18.38 15.19
C PHE A 541 -22.09 18.91 16.13
N ARG A 542 -22.26 20.16 16.55
CA ARG A 542 -21.28 20.94 17.33
C ARG A 542 -20.05 21.31 16.50
N PHE A 543 -19.56 20.36 15.71
CA PHE A 543 -18.41 20.59 14.84
C PHE A 543 -18.64 19.96 13.47
N LEU A 544 -18.26 20.69 12.43
CA LEU A 544 -18.25 20.12 11.08
C LEU A 544 -16.88 20.32 10.47
N SER A 545 -16.58 19.56 9.42
CA SER A 545 -15.34 19.74 8.68
C SER A 545 -15.62 20.40 7.32
N LYS A 546 -14.73 21.29 6.92
CA LYS A 546 -14.91 22.04 5.68
C LYS A 546 -13.59 22.42 5.04
N CYS A 547 -13.69 22.99 3.83
CA CYS A 547 -12.55 23.64 3.19
C CYS A 547 -12.95 25.04 2.75
N VAL A 548 -12.05 25.99 2.92
CA VAL A 548 -12.30 27.34 2.40
C VAL A 548 -11.66 27.43 1.03
N THR A 549 -12.47 27.63 0.00
CA THR A 549 -11.98 27.49 -1.37
C THR A 549 -12.27 28.70 -2.24
N ASN A 550 -13.44 29.28 -2.08
CA ASN A 550 -13.92 30.37 -2.95
C ASN A 550 -13.97 29.94 -4.41
N GLU A 551 -14.08 28.64 -4.63
CA GLU A 551 -14.21 28.10 -5.97
C GLU A 551 -14.92 26.75 -5.94
N ASN A 552 -15.38 26.28 -7.09
CA ASN A 552 -15.99 24.96 -7.19
C ASN A 552 -15.05 23.86 -6.71
N VAL A 553 -15.59 22.84 -6.06
CA VAL A 553 -14.77 21.73 -5.58
C VAL A 553 -15.29 20.36 -5.98
N THR A 554 -14.38 19.40 -5.98
CA THR A 554 -14.71 18.00 -6.18
C THR A 554 -14.20 17.20 -4.98
N THR A 556 -13.92 13.56 -3.29
CA THR A 556 -14.03 12.14 -3.61
C THR A 556 -13.64 11.27 -2.42
N THR A 557 -14.30 10.12 -2.31
CA THR A 557 -13.90 9.12 -1.34
C THR A 557 -14.13 7.74 -1.92
N VAL A 559 -15.28 3.62 -0.49
CA VAL A 559 -15.63 2.71 0.59
C VAL A 559 -15.64 1.30 0.04
N TRP A 560 -15.45 0.33 0.93
CA TRP A 560 -15.49 -1.07 0.54
C TRP A 560 -16.73 -1.73 1.13
N CYS A 561 -17.69 -2.06 0.27
CA CYS A 561 -18.91 -2.73 0.71
C CYS A 561 -18.65 -4.21 0.92
N GLU A 562 -18.94 -4.70 2.13
CA GLU A 562 -18.70 -6.09 2.47
C GLU A 562 -19.79 -7.01 1.94
N GLU A 563 -20.94 -6.45 1.62
CA GLU A 563 -22.11 -7.22 1.19
C GLU A 563 -22.69 -6.69 -0.10
N GLU A 564 -23.37 -7.55 -0.85
CA GLU A 564 -24.20 -7.09 -1.96
C GLU A 564 -25.51 -6.54 -1.41
N GLY A 565 -26.18 -5.70 -2.21
CA GLY A 565 -27.48 -5.18 -1.82
C GLY A 565 -27.43 -3.96 -0.94
N THR A 567 -26.82 0.08 0.23
CA THR A 567 -27.26 1.37 -0.28
C THR A 567 -26.53 2.50 0.42
N VAL A 568 -26.66 3.71 -0.12
CA VAL A 568 -26.05 4.87 0.53
C VAL A 568 -26.96 6.09 0.49
N SER A 569 -26.91 6.89 1.55
CA SER A 569 -27.62 8.14 1.64
C SER A 569 -26.63 9.27 1.86
N LEU A 570 -26.99 10.46 1.40
CA LEU A 570 -26.12 11.62 1.54
C LEU A 570 -26.65 12.61 2.58
N LEU A 571 -25.76 13.10 3.43
CA LEU A 571 -26.09 14.22 4.30
C LEU A 571 -25.25 15.45 3.96
N GLU A 572 -25.91 16.52 3.55
CA GLU A 572 -25.24 17.81 3.40
C GLU A 572 -25.56 18.64 4.63
N PRO A 573 -24.60 18.71 5.57
CA PRO A 573 -24.83 19.19 6.94
C PRO A 573 -25.03 20.70 7.08
N TRP A 574 -24.59 21.49 6.10
CA TRP A 574 -24.80 22.93 6.15
C TRP A 574 -24.61 23.54 4.76
N THR A 575 -25.70 23.96 4.15
CA THR A 575 -25.71 24.39 2.77
C THR A 575 -25.34 25.86 2.63
N ASN A 576 -24.89 26.44 3.74
CA ASN A 576 -24.39 27.82 3.82
C ASN A 576 -25.07 28.82 2.89
N ALA A 577 -24.31 29.37 1.93
CA ALA A 577 -24.84 30.42 1.05
C ALA A 577 -25.24 29.88 -0.32
N ALA A 578 -25.60 28.61 -0.39
CA ALA A 578 -25.98 28.01 -1.67
C ALA A 578 -27.28 28.60 -2.21
N VAL A 579 -27.39 28.62 -3.53
CA VAL A 579 -28.57 29.15 -4.21
C VAL A 579 -29.23 28.03 -5.00
N VAL A 580 -30.56 27.96 -4.94
CA VAL A 580 -31.32 26.96 -5.68
C VAL A 580 -30.99 26.97 -7.17
N GLY A 581 -30.64 25.80 -7.70
CA GLY A 581 -30.39 25.65 -9.12
C GLY A 581 -28.96 25.34 -9.48
N GLN A 582 -28.03 25.61 -8.55
CA GLN A 582 -26.63 25.30 -8.77
C GLN A 582 -26.47 23.80 -8.97
N SER A 583 -25.52 23.41 -9.80
CA SER A 583 -25.38 22.01 -10.21
C SER A 583 -24.55 21.16 -9.24
N HIS A 584 -24.98 21.10 -7.99
CA HIS A 584 -24.40 20.16 -7.04
C HIS A 584 -24.87 18.76 -7.37
N ASN A 585 -23.94 17.84 -7.58
CA ASN A 585 -24.34 16.47 -7.85
C ASN A 585 -23.37 15.44 -7.30
N ILE A 586 -23.81 14.19 -7.29
CA ILE A 586 -23.01 13.11 -6.74
C ILE A 586 -23.11 11.89 -7.66
N ARG A 587 -22.07 11.08 -7.66
CA ARG A 587 -21.98 9.95 -8.58
C ARG A 587 -21.22 8.80 -7.92
N VAL A 588 -21.68 7.57 -8.15
CA VAL A 588 -20.96 6.42 -7.64
C VAL A 588 -20.58 5.45 -8.76
N GLU A 589 -19.30 5.08 -8.78
CA GLU A 589 -18.80 4.11 -9.73
C GLU A 589 -18.29 2.85 -9.02
N SER A 590 -18.64 1.69 -9.56
CA SER A 590 -18.17 0.41 -9.00
C SER A 590 -18.37 -0.72 -10.01
N PRO A 591 -17.31 -1.47 -10.31
CA PRO A 591 -15.96 -1.33 -9.76
C PRO A 591 -15.22 -0.07 -10.22
N VAL A 592 -14.10 0.20 -9.56
CA VAL A 592 -13.39 1.45 -9.74
C VAL A 592 -12.18 1.25 -10.62
N GLY A 593 -11.81 2.28 -11.37
CA GLY A 593 -10.59 2.26 -12.13
C GLY A 593 -10.44 3.45 -13.05
N LYS A 594 -9.40 3.43 -13.86
CA LYS A 594 -9.25 4.42 -14.91
C LYS A 594 -10.38 4.20 -15.91
N ALA A 595 -11.24 5.20 -16.06
CA ALA A 595 -12.36 5.14 -17.00
C ALA A 595 -11.89 4.79 -18.41
N LEU A 596 -12.64 3.93 -19.08
CA LEU A 596 -12.37 3.60 -20.47
C LEU A 596 -12.48 4.86 -21.34
N PHE A 597 -11.62 4.93 -22.36
CA PHE A 597 -11.55 6.09 -23.24
C PHE A 597 -12.82 6.23 -24.08
N GLU A 598 -13.57 7.31 -23.84
CA GLU A 598 -14.81 7.56 -24.58
C GLU A 598 -14.53 8.03 -26.00
N SER A 599 -13.65 7.32 -26.70
CA SER A 599 -13.25 7.73 -28.04
C SER A 599 -12.62 6.56 -28.78
N GLY A 600 -12.10 6.85 -29.97
CA GLY A 600 -11.38 5.85 -30.75
C GLY A 600 -12.26 4.77 -31.33
N GLU A 601 -11.65 3.61 -31.58
CA GLU A 601 -12.31 2.50 -32.25
C GLU A 601 -13.47 1.91 -31.44
N TYR A 602 -13.28 1.82 -30.13
CA TYR A 602 -14.26 1.18 -29.26
C TYR A 602 -14.99 2.18 -28.37
N GLN A 603 -15.30 3.34 -28.92
CA GLN A 603 -16.01 4.38 -28.19
C GLN A 603 -17.37 3.91 -27.66
N GLU A 604 -18.09 3.16 -28.48
CA GLU A 604 -19.42 2.69 -28.07
C GLU A 604 -19.35 1.68 -26.94
N ARG A 605 -18.50 0.67 -27.11
CA ARG A 605 -18.30 -0.34 -26.09
C ARG A 605 -17.81 0.30 -24.80
N ASN A 606 -16.87 1.23 -24.94
CA ASN A 606 -16.31 1.91 -23.78
C ASN A 606 -17.33 2.75 -23.04
N THR A 607 -18.18 3.45 -23.79
CA THR A 607 -19.24 4.24 -23.20
C THR A 607 -20.25 3.35 -22.47
N GLN A 608 -20.57 2.21 -23.08
CA GLN A 608 -21.46 1.23 -22.49
C GLN A 608 -20.94 0.74 -21.14
N ILE A 609 -19.67 0.34 -21.09
CA ILE A 609 -19.10 -0.23 -19.87
C ILE A 609 -18.96 0.82 -18.75
N ASN A 610 -18.56 2.04 -19.11
CA ASN A 610 -18.49 3.13 -18.14
C ASN A 610 -19.86 3.45 -17.53
N ALA A 611 -20.90 3.43 -18.37
CA ALA A 611 -22.26 3.67 -17.91
C ALA A 611 -22.68 2.57 -16.94
N TYR A 612 -22.35 1.33 -17.29
CA TYR A 612 -22.64 0.19 -16.42
C TYR A 612 -21.93 0.34 -15.07
N ARG A 613 -20.68 0.81 -15.07
CA ARG A 613 -19.91 1.06 -13.85
C ARG A 613 -20.58 2.09 -12.97
N THR A 614 -21.16 3.09 -13.61
CA THR A 614 -21.77 4.20 -12.89
C THR A 614 -23.13 3.76 -12.37
N VAL A 615 -23.17 3.41 -11.10
CA VAL A 615 -24.34 2.75 -10.51
C VAL A 615 -25.30 3.74 -9.87
N LEU A 616 -24.83 4.97 -9.64
CA LEU A 616 -25.67 6.05 -9.10
C LEU A 616 -25.19 7.38 -9.66
N ASN A 617 -26.13 8.31 -9.85
CA ASN A 617 -25.83 9.62 -10.41
C ASN A 617 -27.02 10.57 -10.28
N GLY A 618 -26.77 11.82 -9.89
CA GLY A 618 -27.84 12.81 -9.84
C GLY A 618 -27.60 14.03 -8.96
N LYS A 619 -28.55 14.96 -9.01
CA LYS A 619 -28.53 16.19 -8.20
C LYS A 619 -28.73 15.91 -6.72
N THR A 620 -28.05 16.69 -5.88
CA THR A 620 -28.23 16.58 -4.44
C THR A 620 -29.37 17.48 -3.97
N ALA A 621 -29.83 17.28 -2.74
CA ALA A 621 -30.94 18.05 -2.18
C ALA A 621 -30.59 19.54 -2.12
N SER A 623 -29.12 21.28 -4.21
CA SER A 623 -29.39 21.86 -5.52
C SER A 623 -30.87 22.27 -5.65
N TYR A 624 -31.72 21.57 -4.90
CA TYR A 624 -33.15 21.80 -4.93
C TYR A 624 -33.58 22.88 -3.95
N PHE A 625 -32.98 22.89 -2.76
CA PHE A 625 -33.53 23.70 -1.66
C PHE A 625 -32.64 24.87 -1.23
N GLY A 626 -31.38 24.87 -1.64
CA GLY A 626 -30.52 26.02 -1.45
C GLY A 626 -29.89 26.13 -0.09
N GLY A 627 -29.44 27.34 0.24
CA GLY A 627 -28.63 27.57 1.43
C GLY A 627 -29.34 27.65 2.77
N GLY A 628 -28.54 27.69 3.83
CA GLY A 628 -29.05 27.85 5.18
C GLY A 628 -29.78 26.65 5.73
N LYS A 629 -29.49 25.48 5.17
CA LYS A 629 -30.22 24.27 5.53
C LYS A 629 -29.30 23.07 5.83
N THR A 630 -29.90 22.03 6.39
CA THR A 630 -29.27 20.74 6.54
C THR A 630 -30.14 19.72 5.81
N LEU A 631 -29.56 19.02 4.82
CA LEU A 631 -30.37 18.27 3.87
C LEU A 631 -29.88 16.84 3.63
N THR A 632 -30.84 15.94 3.43
CA THR A 632 -30.53 14.54 3.21
C THR A 632 -30.97 14.09 1.82
N THR A 633 -30.12 13.30 1.16
CA THR A 633 -30.43 12.78 -0.18
C THR A 633 -30.29 11.27 -0.23
N TYR A 634 -31.38 10.57 -0.51
CA TYR A 634 -31.27 9.14 -0.75
C TYR A 634 -30.65 8.93 -2.13
N GLY A 636 -29.08 5.30 -3.39
CA GLY A 636 -29.44 3.99 -3.86
C GLY A 636 -28.38 2.91 -3.74
N ARG A 637 -28.51 1.86 -4.55
CA ARG A 637 -27.70 0.66 -4.42
C ARG A 637 -26.22 0.83 -4.76
N LEU A 638 -25.38 0.18 -3.98
CA LEU A 638 -23.95 0.11 -4.25
C LEU A 638 -23.59 -1.28 -4.78
N ARG A 639 -22.30 -1.57 -4.84
CA ARG A 639 -21.82 -2.90 -5.23
C ARG A 639 -20.90 -3.45 -4.15
N LYS A 640 -20.86 -4.77 -4.03
CA LYS A 640 -19.85 -5.42 -3.19
C LYS A 640 -18.49 -5.04 -3.76
N GLY A 641 -17.52 -4.80 -2.88
CA GLY A 641 -16.20 -4.40 -3.32
C GLY A 641 -16.02 -2.89 -3.26
N LEU A 642 -15.08 -2.38 -4.04
CA LEU A 642 -14.70 -0.97 -3.98
C LEU A 642 -15.70 -0.07 -4.69
N ASN A 643 -16.12 1.00 -4.03
CA ASN A 643 -17.01 1.99 -4.62
C ASN A 643 -16.40 3.38 -4.61
N PHE A 644 -16.41 4.03 -5.77
CA PHE A 644 -15.89 5.39 -5.92
C PHE A 644 -17.01 6.42 -5.85
N ILE A 645 -16.86 7.41 -4.96
CA ILE A 645 -17.91 8.41 -4.73
C ILE A 645 -17.42 9.82 -5.02
N ARG A 646 -17.92 10.44 -6.09
CA ARG A 646 -17.52 11.78 -6.45
C ARG A 646 -18.63 12.81 -6.18
N TYR A 647 -18.29 13.84 -5.43
CA TYR A 647 -19.24 14.86 -5.00
C TYR A 647 -18.80 16.24 -5.49
N ILE A 648 -19.66 16.90 -6.25
CA ILE A 648 -19.34 18.20 -6.84
C ILE A 648 -20.18 19.31 -6.23
N ILE A 649 -19.51 20.37 -5.79
CA ILE A 649 -20.20 21.57 -5.35
C ILE A 649 -19.95 22.71 -6.33
N ASP A 650 -21.04 23.35 -6.76
CA ASP A 650 -21.02 24.35 -7.82
C ASP A 650 -21.22 25.75 -7.23
N GLY A 651 -21.16 26.77 -8.07
CA GLY A 651 -21.51 28.11 -7.67
C GLY A 651 -20.45 28.82 -6.86
N SER A 652 -19.21 28.36 -6.97
CA SER A 652 -18.06 29.04 -6.39
C SER A 652 -18.25 29.36 -4.90
N PRO A 653 -18.35 28.33 -4.05
CA PRO A 653 -18.65 28.57 -2.64
C PRO A 653 -17.44 29.04 -1.83
N THR A 654 -17.68 29.88 -0.83
CA THR A 654 -16.62 30.27 0.09
C THR A 654 -16.26 29.07 0.97
N ASP A 655 -17.28 28.49 1.59
CA ASP A 655 -17.09 27.30 2.42
C ASP A 655 -17.69 26.08 1.73
N ALA A 656 -16.97 24.97 1.79
CA ALA A 656 -17.47 23.70 1.29
C ALA A 656 -17.37 22.66 2.39
N TYR A 657 -18.51 22.15 2.84
CA TYR A 657 -18.53 21.21 3.95
C TYR A 657 -18.52 19.77 3.48
N PHE A 658 -17.80 18.91 4.18
CA PHE A 658 -17.77 17.50 3.84
C PHE A 658 -19.09 16.87 4.22
N PRO A 659 -19.63 16.00 3.35
CA PRO A 659 -20.89 15.33 3.63
C PRO A 659 -20.69 14.11 4.51
N LEU A 661 -22.12 10.03 5.07
CA LEU A 661 -22.78 8.97 4.31
C LEU A 661 -23.32 7.91 5.24
N LYS A 662 -24.60 7.55 5.04
CA LYS A 662 -25.23 6.48 5.79
C LYS A 662 -25.49 5.29 4.89
N PHE A 663 -25.15 4.10 5.36
CA PHE A 663 -25.28 2.90 4.55
C PHE A 663 -26.41 2.01 5.02
N GLY A 664 -27.19 1.54 4.06
CA GLY A 664 -28.32 0.67 4.36
C GLY A 664 -28.40 -0.48 3.37
N SER A 665 -29.60 -1.08 3.27
CA SER A 665 -29.85 -2.18 2.36
C SER A 665 -31.13 -1.93 1.57
N TYR A 666 -31.14 -2.31 0.29
CA TYR A 666 -32.32 -2.09 -0.54
C TYR A 666 -33.46 -3.02 -0.15
N LYS A 667 -33.15 -4.03 0.66
CA LYS A 667 -34.17 -4.97 1.11
C LYS A 667 -34.96 -4.44 2.30
N THR A 668 -34.43 -3.40 2.96
CA THR A 668 -35.09 -2.88 4.15
C THR A 668 -35.29 -1.37 4.17
N ASP A 669 -34.60 -0.64 3.28
CA ASP A 669 -34.72 0.82 3.28
C ASP A 669 -36.17 1.29 3.02
N GLY A 670 -36.53 2.43 3.62
CA GLY A 670 -37.85 3.01 3.50
C GLY A 670 -38.35 3.52 4.84
N VAL A 671 -39.64 3.75 4.96
CA VAL A 671 -40.27 3.98 6.26
C VAL A 671 -41.43 3.00 6.39
N LYS A 672 -41.49 2.30 7.51
CA LYS A 672 -42.51 1.27 7.69
C LYS A 672 -43.17 1.37 9.07
N LEU A 673 -44.34 2.01 9.10
CA LEU A 673 -45.13 2.10 10.32
C LEU A 673 -46.39 1.26 10.17
N PRO A 674 -46.40 0.06 10.77
CA PRO A 674 -47.59 -0.80 10.72
C PRO A 674 -48.77 -0.14 11.42
N VAL A 676 -51.20 1.24 13.86
CA VAL A 676 -51.11 1.55 15.28
C VAL A 676 -52.33 2.37 15.72
N ARG A 677 -52.77 2.11 16.94
CA ARG A 677 -53.92 2.78 17.52
C ARG A 677 -53.54 3.32 18.89
N LEU A 678 -53.47 4.64 19.00
CA LEU A 678 -53.07 5.24 20.26
C LEU A 678 -53.75 6.59 20.51
N SER A 679 -53.93 6.91 21.78
CA SER A 679 -54.56 8.16 22.16
C SER A 679 -53.52 9.22 22.42
N LYS A 680 -53.91 10.47 22.26
CA LYS A 680 -53.00 11.57 22.55
C LYS A 680 -53.69 12.62 23.44
N GLU A 681 -52.89 13.28 24.26
CA GLU A 681 -53.38 14.28 25.21
C GLU A 681 -53.89 15.54 24.52
N PRO A 682 -54.88 16.21 25.14
CA PRO A 682 -55.44 17.43 24.56
C PRO A 682 -54.59 18.68 24.75
N ASN A 683 -54.89 19.71 23.97
CA ASN A 683 -54.30 21.04 24.09
C ASN A 683 -52.80 21.10 23.79
N THR A 685 -49.61 22.11 21.29
CA THR A 685 -49.30 23.23 20.40
C THR A 685 -48.12 22.83 19.54
N ARG A 686 -47.79 21.54 19.62
CA ARG A 686 -46.64 20.98 18.93
CA ARG A 686 -46.64 20.99 18.94
C ARG A 686 -46.93 19.54 18.56
N PRO A 687 -46.73 19.18 17.28
CA PRO A 687 -46.89 17.78 16.94
C PRO A 687 -45.86 16.90 17.66
N ALA A 688 -46.17 15.61 17.81
CA ALA A 688 -45.23 14.68 18.43
C ALA A 688 -45.15 13.40 17.60
N PRO A 689 -43.92 12.88 17.40
CA PRO A 689 -43.71 11.65 16.63
C PRO A 689 -44.53 10.48 17.19
N VAL A 690 -45.06 9.65 16.30
CA VAL A 690 -45.86 8.51 16.72
C VAL A 690 -45.00 7.51 17.48
N LYS A 692 -41.09 6.92 19.01
CA LYS A 692 -39.78 7.46 19.35
C LYS A 692 -38.78 6.37 19.73
N GLN A 693 -37.51 6.66 19.48
CA GLN A 693 -36.43 5.86 20.06
C GLN A 693 -35.76 6.70 21.14
N SER A 694 -34.76 6.14 21.81
CA SER A 694 -33.95 6.92 22.72
C SER A 694 -33.18 7.97 21.91
N ASN A 695 -32.83 9.08 22.55
CA ASN A 695 -32.04 10.11 21.88
C ASN A 695 -30.64 9.62 21.52
N ALA A 696 -30.14 8.63 22.26
CA ALA A 696 -28.83 8.06 21.98
C ALA A 696 -28.87 7.24 20.69
N ASN A 697 -30.03 6.66 20.41
CA ASN A 697 -30.21 5.87 19.19
C ASN A 697 -30.43 6.75 17.97
N ASP A 698 -31.21 7.81 18.13
CA ASP A 698 -31.48 8.74 17.05
C ASP A 698 -31.76 10.13 17.55
N TYR A 699 -30.93 11.09 17.16
CA TYR A 699 -31.18 12.47 17.54
C TYR A 699 -31.77 13.27 16.38
N GLY A 700 -32.30 12.57 15.39
CA GLY A 700 -33.20 13.17 14.42
C GLY A 700 -32.65 13.91 13.22
N VAL A 701 -31.38 13.75 12.89
CA VAL A 701 -30.86 14.44 11.71
C VAL A 701 -30.64 13.51 10.52
N PHE A 702 -29.91 12.43 10.73
CA PHE A 702 -29.44 11.60 9.63
C PHE A 702 -29.53 10.10 9.92
N GLY A 703 -29.29 9.72 11.18
CA GLY A 703 -29.17 8.33 11.59
C GLY A 703 -30.27 7.37 11.16
N GLU A 704 -31.50 7.84 11.05
CA GLU A 704 -32.60 6.95 10.72
C GLU A 704 -33.31 7.32 9.41
N VAL A 705 -32.62 8.05 8.52
CA VAL A 705 -33.19 8.36 7.22
C VAL A 705 -33.41 7.10 6.40
N LEU A 706 -34.68 6.84 6.07
CA LEU A 706 -35.09 5.69 5.25
C LEU A 706 -34.49 4.37 5.74
N SER A 707 -34.34 4.23 7.06
CA SER A 707 -33.76 3.02 7.62
C SER A 707 -34.73 1.85 7.58
N GLY A 708 -35.99 2.12 7.25
CA GLY A 708 -36.97 1.06 7.02
C GLY A 708 -37.69 0.54 8.23
N THR A 709 -37.87 1.40 9.23
CA THR A 709 -38.52 1.00 10.46
C THR A 709 -39.72 1.89 10.81
N GLN A 710 -40.33 1.58 11.95
CA GLN A 710 -41.40 2.38 12.50
C GLN A 710 -40.85 3.67 13.11
N PHE A 711 -39.53 3.82 13.10
CA PHE A 711 -38.86 4.97 13.70
C PHE A 711 -38.25 5.87 12.65
N SER A 712 -38.36 5.48 11.39
CA SER A 712 -37.52 6.06 10.36
C SER A 712 -37.97 7.44 9.89
N LYS A 713 -37.00 8.16 9.34
CA LYS A 713 -37.21 9.49 8.80
C LYS A 713 -37.20 9.43 7.28
N THR A 714 -38.01 10.25 6.63
CA THR A 714 -37.93 10.43 5.19
C THR A 714 -36.73 11.30 4.83
N ALA A 715 -36.39 11.33 3.55
CA ALA A 715 -35.32 12.17 3.04
C ALA A 715 -35.89 13.39 2.31
N ASP A 716 -35.12 14.48 2.27
CA ASP A 716 -35.57 15.68 1.57
C ASP A 716 -35.72 15.45 0.08
N SER A 717 -34.77 14.74 -0.51
CA SER A 717 -34.86 14.39 -1.92
C SER A 717 -34.16 13.08 -2.23
N HIS A 718 -34.40 12.58 -3.43
CA HIS A 718 -33.75 11.37 -3.95
C HIS A 718 -32.93 11.73 -5.18
N LEU A 719 -31.84 11.00 -5.42
CA LEU A 719 -31.12 11.08 -6.68
C LEU A 719 -32.08 10.81 -7.82
N TYR A 720 -32.98 9.88 -7.57
CA TYR A 720 -34.03 9.54 -8.53
C TYR A 720 -35.37 9.91 -7.94
N ASN A 721 -35.76 11.17 -8.15
CA ASN A 721 -37.02 11.69 -7.62
C ASN A 721 -38.20 11.35 -8.51
N GLY A 722 -39.41 11.55 -7.99
CA GLY A 722 -40.62 11.27 -8.74
C GLY A 722 -40.81 9.81 -9.06
N ALA A 723 -40.29 8.94 -8.20
CA ALA A 723 -40.35 7.50 -8.41
C ALA A 723 -40.78 6.76 -7.13
N SER A 724 -40.86 7.50 -6.04
CA SER A 724 -41.21 6.93 -4.74
C SER A 724 -42.63 7.34 -4.32
N VAL A 725 -43.21 6.59 -3.38
CA VAL A 725 -44.58 6.84 -2.96
C VAL A 725 -44.77 6.77 -1.45
N GLY A 726 -45.07 7.91 -0.84
CA GLY A 726 -45.48 7.93 0.55
C GLY A 726 -46.95 7.57 0.63
N TYR A 727 -47.32 6.84 1.67
CA TYR A 727 -48.70 6.39 1.81
C TYR A 727 -49.16 6.40 3.27
N LEU A 728 -50.17 7.21 3.55
CA LEU A 728 -50.77 7.27 4.88
C LEU A 728 -52.21 6.76 4.82
N ALA A 729 -52.57 5.89 5.76
CA ALA A 729 -53.94 5.42 5.86
C ALA A 729 -54.51 5.75 7.24
N VAL A 730 -55.66 6.43 7.26
CA VAL A 730 -56.37 6.71 8.49
C VAL A 730 -57.77 6.12 8.39
N PRO A 731 -57.89 4.80 8.63
CA PRO A 731 -59.10 4.04 8.32
C PRO A 731 -60.35 4.51 9.07
N ARG A 732 -60.22 4.95 10.31
CA ARG A 732 -61.38 5.40 11.07
C ARG A 732 -61.44 6.92 11.21
N GLY A 733 -60.74 7.61 10.31
CA GLY A 733 -60.78 9.07 10.29
C GLY A 733 -60.26 9.73 11.55
N LEU A 734 -60.63 10.99 11.74
CA LEU A 734 -60.15 11.78 12.86
C LEU A 734 -61.25 12.66 13.45
N LYS A 735 -61.09 13.02 14.71
CA LYS A 735 -61.97 13.99 15.35
C LYS A 735 -61.66 15.41 14.88
N LYS A 736 -62.59 16.33 15.10
CA LYS A 736 -62.38 17.73 14.71
C LYS A 736 -61.20 18.35 15.46
N ASN A 737 -60.46 19.21 14.77
CA ASN A 737 -59.28 19.88 15.31
C ASN A 737 -58.26 18.84 15.76
N THR A 738 -58.07 17.85 14.90
CA THR A 738 -57.15 16.74 15.16
C THR A 738 -56.49 16.36 13.84
N TYR A 739 -55.17 16.14 13.87
CA TYR A 739 -54.40 15.99 12.64
C TYR A 739 -53.28 14.96 12.75
N ILE A 740 -52.93 14.36 11.62
CA ILE A 740 -51.73 13.53 11.50
C ILE A 740 -50.62 14.41 10.96
N ALA A 741 -49.39 14.21 11.43
CA ALA A 741 -48.25 14.99 10.94
C ALA A 741 -47.38 14.15 10.01
N LEU A 742 -47.04 14.71 8.85
CA LEU A 742 -46.15 14.04 7.91
C LEU A 742 -44.88 14.87 7.75
N ASN A 743 -43.74 14.19 7.59
CA ASN A 743 -42.45 14.86 7.51
C ASN A 743 -42.22 15.81 8.67
N TYR A 744 -42.58 15.40 9.88
CA TYR A 744 -42.42 16.30 11.01
C TYR A 744 -41.01 16.22 11.60
N ASN A 745 -40.37 17.38 11.68
CA ASN A 745 -39.03 17.50 12.23
C ASN A 745 -39.09 18.15 13.61
N PRO A 746 -38.98 17.33 14.66
CA PRO A 746 -39.09 17.81 16.05
C PRO A 746 -37.98 18.79 16.44
N LEU A 747 -36.86 18.78 15.71
CA LEU A 747 -35.75 19.67 15.98
C LEU A 747 -36.05 21.11 15.54
N THR A 748 -36.68 21.23 14.38
CA THR A 748 -36.99 22.53 13.81
C THR A 748 -38.46 22.88 13.98
N ASN A 749 -39.22 21.92 14.51
CA ASN A 749 -40.67 22.04 14.72
C ASN A 749 -41.41 22.35 13.41
N VAL A 750 -41.07 21.61 12.36
CA VAL A 750 -41.63 21.84 11.04
C VAL A 750 -42.15 20.55 10.41
N GLY A 751 -43.38 20.58 9.91
CA GLY A 751 -43.94 19.44 9.21
C GLY A 751 -45.28 19.73 8.54
N VAL A 752 -45.82 18.73 7.85
CA VAL A 752 -47.12 18.84 7.20
C VAL A 752 -48.24 18.29 8.07
N LEU A 753 -49.36 19.02 8.14
CA LEU A 753 -50.54 18.57 8.86
C LEU A 753 -51.65 18.16 7.90
N VAL A 754 -52.33 17.07 8.22
CA VAL A 754 -53.53 16.69 7.50
C VAL A 754 -54.54 16.09 8.47
N GLY A 755 -55.80 16.50 8.34
CA GLY A 755 -56.85 16.05 9.24
C GLY A 755 -58.15 16.83 9.13
N VAL A 756 -58.90 16.87 10.22
CA VAL A 756 -60.22 17.52 10.23
C VAL A 756 -60.18 18.78 11.08
N ASN A 757 -60.52 19.93 10.49
CA ASN A 757 -60.50 21.16 11.26
C ASN A 757 -61.72 21.30 12.14
N ALA A 758 -61.81 22.41 12.88
CA ALA A 758 -62.89 22.63 13.82
C ALA A 758 -64.26 22.66 13.13
N ALA A 759 -64.28 23.14 11.89
CA ALA A 759 -65.53 23.27 11.14
C ALA A 759 -65.98 21.92 10.56
N GLY A 760 -65.11 20.92 10.61
CA GLY A 760 -65.47 19.60 10.12
C GLY A 760 -65.07 19.34 8.67
N ASN A 761 -64.28 20.24 8.11
CA ASN A 761 -63.72 20.02 6.79
C ASN A 761 -62.40 19.26 6.86
N CYS A 763 -58.48 19.18 5.77
CA CYS A 763 -57.53 20.24 5.52
C CYS A 763 -56.11 19.72 5.52
N ILE A 764 -55.25 20.40 4.80
CA ILE A 764 -53.83 20.07 4.78
C ILE A 764 -53.04 21.37 4.69
N GLY A 765 -51.93 21.44 5.41
CA GLY A 765 -51.15 22.66 5.48
C GLY A 765 -49.76 22.45 6.04
N THR A 766 -48.98 23.53 6.09
CA THR A 766 -47.61 23.48 6.59
C THR A 766 -47.52 23.99 8.03
N PHE A 767 -47.17 23.11 8.95
CA PHE A 767 -46.87 23.55 10.31
C PHE A 767 -45.44 24.05 10.37
N ASN A 768 -45.28 25.36 10.24
CA ASN A 768 -43.96 25.99 10.17
C ASN A 768 -43.59 26.67 11.49
N ASN A 769 -43.29 25.85 12.49
CA ASN A 769 -43.01 26.29 13.86
C ASN A 769 -44.18 27.07 14.47
N ALA A 770 -45.35 26.83 13.92
CA ALA A 770 -46.60 27.45 14.35
C ALA A 770 -47.71 26.77 13.58
N ASN A 771 -48.96 27.00 13.98
CA ASN A 771 -50.09 26.49 13.22
C ASN A 771 -50.05 27.05 11.81
N PRO A 772 -50.51 26.28 10.82
CA PRO A 772 -50.39 26.68 9.42
C PRO A 772 -51.13 27.98 9.08
N THR A 773 -50.54 28.75 8.18
CA THR A 773 -51.19 29.95 7.64
C THR A 773 -51.47 29.73 6.16
N ASP A 774 -51.30 28.49 5.70
CA ASP A 774 -51.46 28.15 4.30
C ASP A 774 -52.41 26.98 4.11
N TRP A 775 -53.40 26.86 5.01
CA TRP A 775 -54.34 25.76 5.00
C TRP A 775 -55.01 25.54 3.65
N VAL A 776 -55.05 24.28 3.21
CA VAL A 776 -55.82 23.89 2.04
C VAL A 776 -57.05 23.12 2.50
N VAL A 777 -58.22 23.76 2.43
CA VAL A 777 -59.44 23.20 2.97
C VAL A 777 -60.36 22.66 1.87
N PHE A 778 -60.92 21.48 2.09
CA PHE A 778 -61.71 20.80 1.06
C PHE A 778 -62.73 19.83 1.65
N GLY A 779 -63.62 19.33 0.81
CA GLY A 779 -64.68 18.44 1.24
C GLY A 779 -65.79 19.14 2.00
N ASP A 780 -66.85 18.40 2.34
CA ASP A 780 -67.95 18.97 3.12
C ASP A 780 -67.56 19.13 4.59
N THR A 781 -68.52 19.48 5.43
CA THR A 781 -68.24 19.73 6.84
C THR A 781 -68.62 18.55 7.73
N THR A 782 -68.65 17.35 7.14
CA THR A 782 -69.03 16.15 7.87
C THR A 782 -67.92 15.11 7.86
N ARG A 783 -66.66 15.56 7.82
CA ARG A 783 -65.55 14.63 7.65
C ARG A 783 -65.11 13.93 8.94
N GLU A 784 -65.74 14.26 10.07
CA GLU A 784 -65.33 13.67 11.34
C GLU A 784 -65.57 12.15 11.34
N ASP A 785 -64.53 11.41 11.73
CA ASP A 785 -64.58 9.95 11.87
C ASP A 785 -64.84 9.24 10.56
N LYS A 786 -64.46 9.87 9.44
CA LYS A 786 -64.54 9.22 8.14
C LYS A 786 -63.14 9.02 7.57
N GLY A 787 -62.88 7.81 7.08
CA GLY A 787 -61.56 7.42 6.65
C GLY A 787 -61.04 8.14 5.43
N PHE A 788 -59.73 8.26 5.35
CA PHE A 788 -59.06 8.83 4.18
C PHE A 788 -57.66 8.24 4.01
N LYS A 789 -57.12 8.41 2.81
CA LYS A 789 -55.73 8.04 2.52
C LYS A 789 -54.98 9.31 2.12
N VAL A 790 -53.67 9.27 2.25
CA VAL A 790 -52.83 10.36 1.74
C VAL A 790 -51.65 9.77 0.97
N TRP A 791 -51.46 10.27 -0.25
CA TRP A 791 -50.37 9.83 -1.08
C TRP A 791 -49.37 10.96 -1.27
N GLU A 792 -48.09 10.67 -1.06
CA GLU A 792 -47.06 11.69 -1.21
C GLU A 792 -46.12 11.36 -2.36
N TYR A 793 -45.86 12.35 -3.20
CA TYR A 793 -44.95 12.21 -4.33
C TYR A 793 -43.89 13.30 -4.29
N THR A 794 -42.87 13.18 -5.13
CA THR A 794 -41.85 14.22 -5.23
C THR A 794 -41.68 14.63 -6.68
N SER A 795 -41.31 15.88 -6.91
CA SER A 795 -41.01 16.35 -8.24
C SER A 795 -39.53 16.22 -8.54
N SER A 796 -39.19 15.63 -9.69
CA SER A 796 -37.79 15.57 -10.10
C SER A 796 -37.34 16.93 -10.64
N SER A 797 -38.32 17.82 -10.86
CA SER A 797 -38.04 19.16 -11.36
C SER A 797 -37.72 20.16 -10.24
N THR A 798 -38.57 20.17 -9.21
CA THR A 798 -38.49 21.17 -8.15
C THR A 798 -38.05 20.58 -6.81
N GLY A 799 -38.21 19.27 -6.66
CA GLY A 799 -37.91 18.62 -5.41
C GLY A 799 -39.07 18.71 -4.43
N ALA A 800 -40.15 19.37 -4.86
CA ALA A 800 -41.31 19.59 -3.98
C ALA A 800 -41.99 18.28 -3.61
N HIS A 801 -42.50 18.23 -2.39
CA HIS A 801 -43.31 17.09 -1.96
C HIS A 801 -44.78 17.43 -2.15
N THR A 802 -45.42 16.71 -3.07
CA THR A 802 -46.80 16.98 -3.43
C THR A 802 -47.71 15.93 -2.82
N PHE A 803 -48.86 16.36 -2.33
CA PHE A 803 -49.75 15.48 -1.59
C PHE A 803 -51.11 15.35 -2.26
N THR A 804 -51.63 14.13 -2.30
CA THR A 804 -52.98 13.87 -2.73
C THR A 804 -53.76 13.25 -1.59
N VAL A 805 -54.86 13.87 -1.20
CA VAL A 805 -55.69 13.35 -0.12
C VAL A 805 -57.03 12.90 -0.66
N GLU A 806 -57.44 11.70 -0.29
CA GLU A 806 -58.70 11.13 -0.78
C GLU A 806 -59.46 10.42 0.34
N SER A 807 -60.66 10.92 0.64
CA SER A 807 -61.52 10.25 1.59
C SER A 807 -61.97 8.92 1.02
N ASP A 808 -62.25 7.96 1.90
CA ASP A 808 -62.64 6.63 1.49
C ASP A 808 -64.01 6.61 0.79
N ASP A 809 -64.89 7.53 1.13
CA ASP A 809 -66.21 7.57 0.50
C ASP A 809 -66.18 8.26 -0.86
N GLY A 810 -65.00 8.74 -1.26
CA GLY A 810 -64.79 9.31 -2.58
C GLY A 810 -65.24 10.75 -2.75
N THR A 811 -65.83 11.33 -1.71
CA THR A 811 -66.43 12.66 -1.83
C THR A 811 -65.44 13.82 -1.67
N ALA A 812 -64.36 13.60 -0.92
CA ALA A 812 -63.44 14.68 -0.61
C ALA A 812 -62.02 14.38 -1.08
N THR A 813 -61.55 15.13 -2.07
CA THR A 813 -60.21 14.95 -2.63
C THR A 813 -59.52 16.27 -2.88
N THR A 814 -58.19 16.28 -2.75
CA THR A 814 -57.39 17.42 -3.18
C THR A 814 -55.96 17.00 -3.48
N SER A 815 -55.35 17.66 -4.45
CA SER A 815 -53.94 17.48 -4.73
C SER A 815 -53.28 18.85 -4.76
N ALA A 816 -53.98 19.82 -4.17
CA ALA A 816 -53.60 21.22 -4.29
C ALA A 816 -52.55 21.65 -3.27
N PHE A 817 -51.93 20.70 -2.59
CA PHE A 817 -50.91 21.06 -1.60
C PHE A 817 -49.53 20.55 -1.98
N SER A 818 -48.55 21.44 -1.88
CA SER A 818 -47.19 21.13 -2.25
C SER A 818 -46.24 21.90 -1.34
N THR A 819 -45.12 21.30 -0.97
CA THR A 819 -44.18 21.97 -0.09
C THR A 819 -42.72 21.74 -0.48
N THR A 820 -41.91 22.79 -0.30
CA THR A 820 -40.47 22.68 -0.44
C THR A 820 -39.83 23.08 0.88
N VAL A 821 -40.64 23.08 1.93
CA VAL A 821 -40.21 23.50 3.26
C VAL A 821 -40.25 22.32 4.24
N ALA A 822 -41.38 21.62 4.26
CA ALA A 822 -41.53 20.44 5.11
C ALA A 822 -41.24 19.17 4.31
N THR A 823 -39.99 19.04 3.89
CA THR A 823 -39.60 18.02 2.91
C THR A 823 -39.18 16.68 3.53
N SER A 824 -38.88 16.67 4.83
CA SER A 824 -38.55 15.41 5.48
C SER A 824 -38.77 15.45 6.99
N GLY A 825 -38.98 14.28 7.58
CA GLY A 825 -39.23 14.19 9.00
C GLY A 825 -39.91 12.88 9.36
N TYR A 826 -40.57 12.86 10.51
CA TYR A 826 -41.19 11.65 11.02
C TYR A 826 -42.72 11.75 11.00
N VAL A 827 -43.38 10.60 11.12
CA VAL A 827 -44.84 10.59 11.28
C VAL A 827 -45.17 11.02 12.71
N GLY A 828 -46.13 11.93 12.82
CA GLY A 828 -46.51 12.46 14.12
C GLY A 828 -47.99 12.65 14.28
N LEU A 829 -48.41 12.92 15.51
CA LEU A 829 -49.80 13.19 15.82
C LEU A 829 -49.92 14.60 16.40
N TYR A 830 -51.05 15.25 16.14
CA TYR A 830 -51.29 16.59 16.63
C TYR A 830 -52.72 16.72 17.16
N ASN A 831 -52.86 16.94 18.47
CA ASN A 831 -54.16 17.13 19.08
C ASN A 831 -54.25 18.47 19.82
N PRO A 832 -54.58 19.54 19.08
CA PRO A 832 -54.77 20.86 19.69
C PRO A 832 -56.18 21.02 20.25
N SER A 833 -57.02 20.00 20.09
CA SER A 833 -58.38 20.05 20.60
C SER A 833 -58.39 19.99 22.13
N ALA A 834 -59.57 20.15 22.71
CA ALA A 834 -59.70 20.26 24.16
C ALA A 834 -59.96 18.92 24.83
N SER A 835 -59.94 17.84 24.05
CA SER A 835 -60.16 16.51 24.60
C SER A 835 -59.14 15.50 24.11
N SER A 836 -58.82 14.52 24.96
CA SER A 836 -57.97 13.40 24.58
C SER A 836 -58.64 12.59 23.47
N GLN A 837 -57.88 12.21 22.44
CA GLN A 837 -58.49 11.52 21.29
C GLN A 837 -57.66 10.36 20.79
N LEU A 838 -58.34 9.40 20.15
CA LEU A 838 -57.70 8.24 19.54
C LEU A 838 -57.25 8.49 18.11
N PHE A 839 -56.09 7.95 17.76
CA PHE A 839 -55.54 8.05 16.41
C PHE A 839 -55.22 6.66 15.88
N THR A 840 -55.80 6.30 14.74
CA THR A 840 -55.48 5.02 14.11
C THR A 840 -54.89 5.25 12.74
N LEU A 841 -53.70 4.72 12.50
CA LEU A 841 -53.00 4.98 11.25
C LEU A 841 -51.91 3.96 10.91
N GLU A 842 -51.51 3.98 9.64
CA GLU A 842 -50.31 3.29 9.20
C GLU A 842 -49.65 4.15 8.13
N TYR A 843 -48.35 4.00 7.98
CA TYR A 843 -47.61 4.79 7.01
C TYR A 843 -46.48 3.97 6.41
N SER A 844 -46.25 4.15 5.11
CA SER A 844 -45.16 3.48 4.44
C SER A 844 -44.58 4.36 3.33
N THR A 846 -42.24 3.99 0.13
CA THR A 846 -41.63 3.01 -0.77
C THR A 846 -40.73 3.70 -1.79
N ILE A 847 -39.48 3.26 -1.83
CA ILE A 847 -38.48 3.80 -2.73
C ILE A 847 -38.58 3.22 -4.14
N GLY A 848 -38.61 4.09 -5.14
CA GLY A 848 -38.56 3.67 -6.53
C GLY A 848 -37.40 4.29 -7.27
N ASN A 849 -37.18 3.87 -8.51
CA ASN A 849 -36.06 4.37 -9.29
C ASN A 849 -36.47 4.95 -10.64
N VAL A 850 -37.36 4.26 -11.34
CA VAL A 850 -37.91 4.78 -12.57
C VAL A 850 -39.09 5.69 -12.24
N GLY A 851 -39.09 6.89 -12.81
CA GLY A 851 -40.13 7.87 -12.54
C GLY A 851 -41.54 7.39 -12.86
N LEU A 852 -42.50 7.76 -12.01
CA LEU A 852 -43.88 7.36 -12.20
C LEU A 852 -44.83 8.56 -12.22
N GLU A 853 -45.92 8.43 -12.97
CA GLU A 853 -46.93 9.49 -13.03
C GLU A 853 -48.10 9.14 -12.13
N HIS A 854 -48.86 10.15 -11.72
CA HIS A 854 -49.95 9.95 -10.78
C HIS A 854 -51.10 10.93 -11.01
N HIS A 855 -51.35 11.29 -12.26
CA HIS A 855 -52.40 12.26 -12.57
C HIS A 855 -53.59 11.62 -13.26
N HIS A 856 -54.78 12.12 -12.94
CA HIS A 856 -56.01 11.70 -13.61
C HIS A 856 -56.91 12.92 -13.77
N HIS A 857 -57.93 12.83 -14.61
CA HIS A 857 -58.85 13.95 -14.77
C HIS A 857 -60.23 13.68 -14.14
N HIS A 858 -60.99 14.75 -13.91
CA HIS A 858 -62.29 14.70 -13.25
C HIS A 858 -63.37 13.93 -14.02
N HIS A 859 -63.11 13.62 -15.28
CA HIS A 859 -64.08 12.89 -16.11
C HIS A 859 -64.37 11.49 -15.57
#